data_1WAZ
#
_entry.id   1WAZ
#
_cell.length_a   1.000
_cell.length_b   1.000
_cell.length_c   1.000
_cell.angle_alpha   90.00
_cell.angle_beta   90.00
_cell.angle_gamma   90.00
#
_symmetry.space_group_name_H-M   'P 1'
#
_entity_poly.entity_id   1
_entity_poly.type   'polypeptide(L)'
_entity_poly.pdbx_seq_one_letter_code
;TPVLVILLGVVGLSALTGYLDYVLLPALAIFIGLTIYAIQRKRQAD
;
_entity_poly.pdbx_strand_id   A
#
# COMPACT_ATOMS: atom_id res chain seq x y z
N THR A 1 6.14 13.58 -11.45
CA THR A 1 5.10 12.65 -11.99
C THR A 1 4.46 11.87 -10.84
N PRO A 2 3.39 12.41 -10.34
CA PRO A 2 2.67 11.76 -9.21
C PRO A 2 2.05 10.44 -9.67
N VAL A 3 1.81 10.30 -10.94
CA VAL A 3 1.21 9.04 -11.46
C VAL A 3 2.16 7.85 -11.24
N LEU A 4 3.44 8.09 -11.34
CA LEU A 4 4.42 6.98 -11.15
C LEU A 4 4.26 6.38 -9.76
N VAL A 5 3.97 7.19 -8.78
CA VAL A 5 3.82 6.67 -7.39
C VAL A 5 2.69 5.64 -7.33
N ILE A 6 1.59 5.90 -7.99
CA ILE A 6 0.46 4.93 -7.98
C ILE A 6 0.87 3.63 -8.68
N LEU A 7 1.63 3.74 -9.74
CA LEU A 7 2.06 2.52 -10.48
C LEU A 7 2.89 1.60 -9.58
N LEU A 8 3.81 2.17 -8.83
CA LEU A 8 4.64 1.33 -7.92
C LEU A 8 3.76 0.65 -6.87
N GLY A 9 2.83 1.36 -6.30
CA GLY A 9 1.94 0.75 -5.27
C GLY A 9 1.11 -0.36 -5.91
N VAL A 10 0.66 -0.15 -7.12
CA VAL A 10 -0.17 -1.18 -7.79
C VAL A 10 0.60 -2.51 -7.90
N VAL A 11 1.84 -2.45 -8.29
CA VAL A 11 2.65 -3.69 -8.40
C VAL A 11 2.75 -4.40 -7.04
N GLY A 12 2.93 -3.66 -5.99
CA GLY A 12 3.03 -4.29 -4.63
C GLY A 12 1.76 -5.07 -4.34
N LEU A 13 0.62 -4.54 -4.68
CA LEU A 13 -0.66 -5.25 -4.41
C LEU A 13 -0.67 -6.61 -5.12
N SER A 14 -0.15 -6.67 -6.31
CA SER A 14 -0.14 -7.96 -7.07
C SER A 14 0.60 -9.05 -6.28
N ALA A 15 1.76 -8.74 -5.77
CA ALA A 15 2.51 -9.75 -4.96
C ALA A 15 1.64 -10.26 -3.81
N LEU A 16 0.80 -9.42 -3.28
CA LEU A 16 -0.08 -9.85 -2.15
C LEU A 16 -1.54 -9.98 -2.62
N THR A 17 -2.02 -11.18 -2.78
CA THR A 17 -3.42 -11.37 -3.25
C THR A 17 -4.08 -12.56 -2.54
N GLY A 18 -3.79 -12.74 -1.28
CA GLY A 18 -4.40 -13.89 -0.55
C GLY A 18 -4.85 -13.44 0.84
N TYR A 19 -5.95 -13.97 1.31
CA TYR A 19 -6.44 -13.57 2.66
C TYR A 19 -5.49 -14.07 3.76
N LEU A 20 -5.73 -13.69 4.98
CA LEU A 20 -4.83 -14.12 6.09
C LEU A 20 -5.39 -13.66 7.44
N ASP A 21 -5.49 -14.54 8.38
CA ASP A 21 -6.02 -14.14 9.72
C ASP A 21 -5.05 -13.19 10.41
N TYR A 22 -5.35 -12.78 11.61
CA TYR A 22 -4.45 -11.83 12.34
C TYR A 22 -3.64 -12.58 13.40
N VAL A 23 -2.35 -12.45 13.39
CA VAL A 23 -1.52 -13.15 14.41
C VAL A 23 -1.14 -12.20 15.53
N LEU A 24 0.03 -12.35 16.09
CA LEU A 24 0.45 -11.45 17.20
C LEU A 24 0.42 -9.99 16.74
N LEU A 25 0.81 -9.73 15.52
CA LEU A 25 0.80 -8.33 15.02
C LEU A 25 0.59 -8.30 13.51
N PRO A 26 -0.46 -7.64 13.10
CA PRO A 26 -0.77 -7.54 11.65
C PRO A 26 0.23 -6.61 10.96
N ALA A 27 1.48 -7.00 10.92
CA ALA A 27 2.51 -6.14 10.26
C ALA A 27 2.13 -5.89 8.79
N LEU A 28 1.49 -6.84 8.17
CA LEU A 28 1.09 -6.66 6.74
C LEU A 28 0.03 -5.56 6.62
N ALA A 29 -1.00 -5.62 7.42
CA ALA A 29 -2.06 -4.58 7.35
C ALA A 29 -1.45 -3.18 7.55
N ILE A 30 -0.56 -3.05 8.50
CA ILE A 30 0.09 -1.72 8.72
C ILE A 30 0.94 -1.34 7.52
N PHE A 31 1.71 -2.27 7.00
CA PHE A 31 2.57 -1.96 5.82
C PHE A 31 1.72 -1.39 4.68
N ILE A 32 0.60 -1.98 4.40
CA ILE A 32 -0.29 -1.45 3.31
C ILE A 32 -0.78 -0.04 3.67
N GLY A 33 -1.20 0.15 4.90
CA GLY A 33 -1.70 1.50 5.32
C GLY A 33 -0.63 2.55 5.03
N LEU A 34 0.58 2.33 5.46
CA LEU A 34 1.67 3.30 5.15
C LEU A 34 1.89 3.38 3.64
N THR A 35 1.80 2.28 2.95
CA THR A 35 2.01 2.30 1.48
C THR A 35 0.92 3.13 0.79
N ILE A 36 -0.31 2.87 1.10
CA ILE A 36 -1.42 3.66 0.49
C ILE A 36 -1.38 5.13 0.96
N TYR A 37 -1.14 5.36 2.22
CA TYR A 37 -1.08 6.76 2.72
C TYR A 37 0.03 7.52 1.99
N ALA A 38 1.21 6.96 1.93
CA ALA A 38 2.33 7.62 1.21
C ALA A 38 1.99 7.85 -0.25
N ILE A 39 1.38 6.90 -0.90
CA ILE A 39 1.03 7.07 -2.34
C ILE A 39 0.02 8.20 -2.51
N GLN A 40 -1.00 8.24 -1.70
CA GLN A 40 -2.01 9.32 -1.83
C GLN A 40 -1.38 10.68 -1.57
N ARG A 41 -0.53 10.77 -0.58
CA ARG A 41 0.14 12.07 -0.29
C ARG A 41 1.06 12.48 -1.44
N LYS A 42 1.92 11.60 -1.85
CA LYS A 42 2.81 11.92 -3.01
C LYS A 42 1.98 12.29 -4.23
N ARG A 43 1.00 11.50 -4.55
CA ARG A 43 0.12 11.82 -5.71
C ARG A 43 -0.48 13.23 -5.53
N GLN A 44 -0.87 13.56 -4.34
CA GLN A 44 -1.45 14.91 -4.09
C GLN A 44 -1.35 15.25 -2.60
N ALA A 45 -1.15 16.51 -2.29
CA ALA A 45 -1.03 16.90 -0.85
C ALA A 45 -2.16 17.85 -0.46
N ASP A 46 -3.32 17.69 -1.05
CA ASP A 46 -4.46 18.58 -0.71
C ASP A 46 -4.11 20.03 -1.04
N THR A 1 5.76 12.85 -10.09
CA THR A 1 5.29 11.56 -10.67
C THR A 1 4.72 10.67 -9.57
N PRO A 2 3.66 11.13 -8.96
CA PRO A 2 3.02 10.36 -7.87
C PRO A 2 2.34 9.11 -8.42
N VAL A 3 2.05 9.09 -9.69
CA VAL A 3 1.39 7.89 -10.30
C VAL A 3 2.33 6.68 -10.23
N LEU A 4 3.61 6.90 -10.37
CA LEU A 4 4.57 5.77 -10.32
C LEU A 4 4.46 5.04 -8.98
N VAL A 5 4.25 5.77 -7.93
CA VAL A 5 4.13 5.12 -6.58
C VAL A 5 2.97 4.14 -6.55
N ILE A 6 1.85 4.50 -7.10
CA ILE A 6 0.69 3.58 -7.11
C ILE A 6 0.98 2.35 -7.97
N LEU A 7 1.65 2.53 -9.07
CA LEU A 7 1.97 1.39 -9.96
C LEU A 7 2.88 0.38 -9.24
N LEU A 8 3.87 0.85 -8.54
CA LEU A 8 4.77 -0.08 -7.81
C LEU A 8 4.01 -0.84 -6.73
N GLY A 9 3.16 -0.15 -6.00
CA GLY A 9 2.38 -0.85 -4.94
C GLY A 9 1.43 -1.86 -5.58
N VAL A 10 0.84 -1.51 -6.70
CA VAL A 10 -0.09 -2.45 -7.37
C VAL A 10 0.60 -3.78 -7.69
N VAL A 11 1.79 -3.71 -8.24
CA VAL A 11 2.53 -4.95 -8.57
C VAL A 11 2.78 -5.78 -7.30
N GLY A 12 3.13 -5.15 -6.21
CA GLY A 12 3.39 -5.92 -4.96
C GLY A 12 2.14 -6.69 -4.56
N LEU A 13 0.98 -6.09 -4.68
CA LEU A 13 -0.27 -6.80 -4.30
C LEU A 13 -0.45 -8.07 -5.14
N SER A 14 -0.11 -8.01 -6.40
CA SER A 14 -0.26 -9.22 -7.27
C SER A 14 0.54 -10.39 -6.72
N ALA A 15 1.78 -10.18 -6.37
CA ALA A 15 2.60 -11.28 -5.79
C ALA A 15 1.89 -11.88 -4.57
N LEU A 16 1.20 -11.07 -3.81
CA LEU A 16 0.50 -11.59 -2.60
C LEU A 16 -1.01 -11.66 -2.85
N THR A 17 -1.54 -12.84 -3.00
CA THR A 17 -3.00 -12.99 -3.25
C THR A 17 -3.53 -14.29 -2.64
N GLY A 18 -3.05 -14.66 -1.47
CA GLY A 18 -3.53 -15.92 -0.84
C GLY A 18 -4.51 -15.60 0.28
N TYR A 19 -4.53 -16.40 1.31
CA TYR A 19 -5.47 -16.15 2.44
C TYR A 19 -4.74 -16.25 3.78
N LEU A 20 -5.08 -15.39 4.71
CA LEU A 20 -4.41 -15.43 6.04
C LEU A 20 -5.22 -14.63 7.06
N ASP A 21 -5.43 -15.18 8.23
CA ASP A 21 -6.20 -14.44 9.27
C ASP A 21 -5.32 -13.37 9.93
N TYR A 22 -5.76 -12.81 11.02
CA TYR A 22 -4.94 -11.77 11.70
C TYR A 22 -3.92 -12.42 12.64
N VAL A 23 -2.66 -12.11 12.46
CA VAL A 23 -1.61 -12.72 13.33
C VAL A 23 -1.14 -11.70 14.37
N LEU A 24 0.11 -11.77 14.75
CA LEU A 24 0.64 -10.82 15.77
C LEU A 24 0.36 -9.38 15.34
N LEU A 25 0.52 -9.08 14.08
CA LEU A 25 0.26 -7.70 13.59
C LEU A 25 0.04 -7.68 12.08
N PRO A 26 -0.94 -6.92 11.66
CA PRO A 26 -1.25 -6.81 10.22
C PRO A 26 -0.18 -5.98 9.50
N ALA A 27 1.02 -6.48 9.42
CA ALA A 27 2.11 -5.72 8.74
C ALA A 27 1.67 -5.33 7.33
N LEU A 28 0.98 -6.19 6.65
CA LEU A 28 0.54 -5.88 5.26
C LEU A 28 -0.50 -4.75 5.28
N ALA A 29 -1.51 -4.87 6.11
CA ALA A 29 -2.54 -3.80 6.19
C ALA A 29 -1.89 -2.45 6.51
N ILE A 30 -0.98 -2.43 7.43
CA ILE A 30 -0.29 -1.16 7.78
C ILE A 30 0.55 -0.67 6.59
N PHE A 31 1.27 -1.55 5.96
CA PHE A 31 2.10 -1.14 4.79
C PHE A 31 1.22 -0.43 3.74
N ILE A 32 0.07 -0.96 3.45
CA ILE A 32 -0.83 -0.31 2.46
C ILE A 32 -1.28 1.07 2.98
N GLY A 33 -1.66 1.14 4.23
CA GLY A 33 -2.10 2.45 4.80
C GLY A 33 -1.01 3.51 4.57
N LEU A 34 0.21 3.21 4.92
CA LEU A 34 1.31 4.18 4.67
C LEU A 34 1.48 4.42 3.17
N THR A 35 1.30 3.40 2.37
CA THR A 35 1.44 3.57 0.89
C THR A 35 0.37 4.52 0.36
N ILE A 36 -0.87 4.28 0.70
CA ILE A 36 -1.97 5.17 0.23
C ILE A 36 -1.83 6.57 0.84
N TYR A 37 -1.52 6.66 2.11
CA TYR A 37 -1.37 8.01 2.73
C TYR A 37 -0.27 8.81 2.02
N ALA A 38 0.88 8.21 1.83
CA ALA A 38 1.98 8.90 1.12
C ALA A 38 1.56 9.31 -0.30
N ILE A 39 0.87 8.44 -1.00
CA ILE A 39 0.44 8.77 -2.38
C ILE A 39 -0.53 9.95 -2.38
N GLN A 40 -1.50 9.95 -1.52
CA GLN A 40 -2.46 11.09 -1.47
C GLN A 40 -1.72 12.39 -1.15
N ARG A 41 -0.76 12.35 -0.27
CA ARG A 41 -0.01 13.59 0.06
C ARG A 41 0.80 14.06 -1.14
N LYS A 42 1.58 13.18 -1.72
CA LYS A 42 2.38 13.57 -2.92
C LYS A 42 1.44 14.07 -4.02
N ARG A 43 0.40 13.35 -4.33
CA ARG A 43 -0.56 13.82 -5.36
C ARG A 43 -1.13 15.18 -4.96
N GLN A 44 -1.41 15.37 -3.70
CA GLN A 44 -1.97 16.67 -3.24
C GLN A 44 -1.68 16.86 -1.75
N ALA A 45 -1.53 18.08 -1.32
CA ALA A 45 -1.24 18.33 0.13
C ALA A 45 -1.60 19.77 0.51
N ASP A 46 -1.52 20.09 1.77
CA ASP A 46 -1.86 21.48 2.20
C ASP A 46 -0.88 21.95 3.28
N THR A 1 6.92 12.78 -10.18
CA THR A 1 6.38 11.49 -10.71
C THR A 1 5.27 10.98 -9.79
N PRO A 2 4.09 11.49 -10.01
CA PRO A 2 2.92 11.08 -9.20
C PRO A 2 2.42 9.70 -9.66
N VAL A 3 2.23 9.51 -10.93
CA VAL A 3 1.75 8.19 -11.43
C VAL A 3 2.70 7.07 -10.99
N LEU A 4 3.97 7.36 -10.89
CA LEU A 4 4.94 6.31 -10.47
C LEU A 4 4.54 5.74 -9.12
N VAL A 5 4.07 6.57 -8.23
CA VAL A 5 3.67 6.08 -6.88
C VAL A 5 2.54 5.04 -7.01
N ILE A 6 1.56 5.32 -7.82
CA ILE A 6 0.44 4.34 -8.00
C ILE A 6 0.94 3.06 -8.65
N LEU A 7 1.85 3.17 -9.58
CA LEU A 7 2.37 1.95 -10.27
C LEU A 7 3.10 1.05 -9.26
N LEU A 8 3.90 1.62 -8.41
CA LEU A 8 4.63 0.80 -7.41
C LEU A 8 3.64 0.09 -6.47
N GLY A 9 2.64 0.79 -6.02
CA GLY A 9 1.64 0.15 -5.11
C GLY A 9 0.91 -0.96 -5.86
N VAL A 10 0.61 -0.74 -7.11
CA VAL A 10 -0.12 -1.78 -7.90
C VAL A 10 0.66 -3.09 -7.91
N VAL A 11 1.94 -3.03 -8.15
CA VAL A 11 2.78 -4.26 -8.15
C VAL A 11 2.71 -4.97 -6.79
N GLY A 12 2.74 -4.23 -5.72
CA GLY A 12 2.68 -4.86 -4.38
C GLY A 12 1.37 -5.65 -4.24
N LEU A 13 0.29 -5.12 -4.71
CA LEU A 13 -1.02 -5.85 -4.59
C LEU A 13 -0.94 -7.20 -5.31
N SER A 14 -0.29 -7.24 -6.44
CA SER A 14 -0.18 -8.52 -7.20
C SER A 14 0.50 -9.60 -6.33
N ALA A 15 1.61 -9.29 -5.73
CA ALA A 15 2.29 -10.28 -4.84
C ALA A 15 1.33 -10.78 -3.76
N LEU A 16 0.46 -9.92 -3.28
CA LEU A 16 -0.51 -10.35 -2.24
C LEU A 16 -1.92 -10.47 -2.82
N THR A 17 -2.36 -11.67 -3.07
CA THR A 17 -3.73 -11.84 -3.64
C THR A 17 -4.45 -13.01 -2.97
N GLY A 18 -4.25 -13.21 -1.70
CA GLY A 18 -4.91 -14.34 -0.99
C GLY A 18 -5.32 -13.91 0.41
N TYR A 19 -6.40 -14.45 0.92
CA TYR A 19 -6.85 -14.08 2.29
C TYR A 19 -5.80 -14.50 3.33
N LEU A 20 -5.95 -14.07 4.55
CA LEU A 20 -4.96 -14.43 5.61
C LEU A 20 -5.44 -13.91 6.97
N ASP A 21 -5.44 -14.75 7.97
CA ASP A 21 -5.88 -14.31 9.33
C ASP A 21 -4.88 -13.30 9.90
N TYR A 22 -5.11 -12.84 11.09
CA TYR A 22 -4.19 -11.84 11.70
C TYR A 22 -3.23 -12.52 12.68
N VAL A 23 -1.95 -12.32 12.52
CA VAL A 23 -0.97 -12.95 13.45
C VAL A 23 -0.67 -12.01 14.62
N LEU A 24 0.46 -12.18 15.26
CA LEU A 24 0.80 -11.32 16.42
C LEU A 24 0.89 -9.86 15.98
N LEU A 25 1.54 -9.60 14.88
CA LEU A 25 1.67 -8.20 14.40
C LEU A 25 1.22 -8.08 12.94
N PRO A 26 0.11 -7.42 12.75
CA PRO A 26 -0.43 -7.23 11.38
C PRO A 26 0.45 -6.27 10.58
N ALA A 27 1.67 -6.64 10.31
CA ALA A 27 2.58 -5.75 9.55
C ALA A 27 2.01 -5.48 8.15
N LEU A 28 1.29 -6.43 7.60
CA LEU A 28 0.72 -6.23 6.24
C LEU A 28 -0.35 -5.13 6.27
N ALA A 29 -1.27 -5.21 7.19
CA ALA A 29 -2.33 -4.15 7.29
C ALA A 29 -1.68 -2.77 7.45
N ILE A 30 -0.69 -2.66 8.30
CA ILE A 30 -0.02 -1.35 8.49
C ILE A 30 0.73 -0.95 7.21
N PHE A 31 1.43 -1.87 6.60
CA PHE A 31 2.17 -1.56 5.35
C PHE A 31 1.22 -0.96 4.31
N ILE A 32 0.08 -1.54 4.12
CA ILE A 32 -0.90 -0.99 3.13
C ILE A 32 -1.36 0.40 3.56
N GLY A 33 -1.68 0.57 4.81
CA GLY A 33 -2.12 1.91 5.29
C GLY A 33 -1.07 2.98 4.94
N LEU A 34 0.17 2.73 5.27
CA LEU A 34 1.24 3.71 4.90
C LEU A 34 1.35 3.81 3.37
N THR A 35 1.20 2.73 2.67
CA THR A 35 1.30 2.77 1.18
C THR A 35 0.16 3.61 0.60
N ILE A 36 -1.06 3.35 1.00
CA ILE A 36 -2.21 4.16 0.49
C ILE A 36 -2.12 5.60 0.99
N TYR A 37 -1.80 5.81 2.23
CA TYR A 37 -1.70 7.20 2.75
C TYR A 37 -0.65 7.98 1.94
N ALA A 38 0.50 7.42 1.75
CA ALA A 38 1.56 8.11 0.94
C ALA A 38 1.06 8.43 -0.47
N ILE A 39 0.32 7.53 -1.06
CA ILE A 39 -0.19 7.78 -2.43
C ILE A 39 -1.13 8.99 -2.46
N GLN A 40 -2.02 9.08 -1.50
CA GLN A 40 -2.96 10.25 -1.47
C GLN A 40 -2.17 11.55 -1.38
N ARG A 41 -1.11 11.57 -0.61
CA ARG A 41 -0.30 12.81 -0.50
C ARG A 41 0.38 13.12 -1.85
N LYS A 42 1.02 12.15 -2.44
CA LYS A 42 1.66 12.37 -3.76
C LYS A 42 0.62 12.86 -4.78
N ARG A 43 -0.48 12.17 -4.89
CA ARG A 43 -1.56 12.63 -5.82
C ARG A 43 -1.97 14.06 -5.47
N GLN A 44 -1.96 14.40 -4.21
CA GLN A 44 -2.36 15.78 -3.80
C GLN A 44 -2.10 15.97 -2.31
N ALA A 45 -1.58 17.10 -1.93
CA ALA A 45 -1.29 17.34 -0.47
C ALA A 45 -2.59 17.69 0.27
N ASP A 46 -2.83 17.05 1.37
CA ASP A 46 -4.08 17.34 2.14
C ASP A 46 -3.94 18.70 2.86
N THR A 1 6.41 11.47 -12.00
CA THR A 1 5.11 11.99 -11.49
C THR A 1 4.70 11.20 -10.24
N PRO A 2 3.77 11.76 -9.51
CA PRO A 2 3.29 11.10 -8.27
C PRO A 2 2.46 9.86 -8.62
N VAL A 3 1.86 9.84 -9.77
CA VAL A 3 1.04 8.66 -10.17
C VAL A 3 1.94 7.42 -10.34
N LEU A 4 3.18 7.62 -10.71
CA LEU A 4 4.08 6.47 -10.93
C LEU A 4 4.15 5.60 -9.67
N VAL A 5 4.10 6.22 -8.52
CA VAL A 5 4.20 5.44 -7.25
C VAL A 5 3.06 4.42 -7.17
N ILE A 6 1.91 4.75 -7.67
CA ILE A 6 0.77 3.79 -7.61
C ILE A 6 1.07 2.55 -8.46
N LEU A 7 1.70 2.73 -9.58
CA LEU A 7 2.01 1.57 -10.46
C LEU A 7 2.94 0.59 -9.74
N LEU A 8 3.94 1.09 -9.08
CA LEU A 8 4.89 0.18 -8.35
C LEU A 8 4.16 -0.56 -7.23
N GLY A 9 3.33 0.13 -6.50
CA GLY A 9 2.58 -0.54 -5.39
C GLY A 9 1.63 -1.58 -5.98
N VAL A 10 1.01 -1.28 -7.08
CA VAL A 10 0.06 -2.25 -7.71
C VAL A 10 0.78 -3.56 -8.03
N VAL A 11 1.95 -3.48 -8.60
CA VAL A 11 2.71 -4.72 -8.93
C VAL A 11 3.02 -5.52 -7.67
N GLY A 12 3.38 -4.86 -6.60
CA GLY A 12 3.68 -5.60 -5.34
C GLY A 12 2.46 -6.40 -4.89
N LEU A 13 1.30 -5.83 -5.00
CA LEU A 13 0.07 -6.57 -4.57
C LEU A 13 -0.10 -7.85 -5.39
N SER A 14 0.23 -7.82 -6.65
CA SER A 14 0.09 -9.03 -7.50
C SER A 14 0.91 -10.19 -6.94
N ALA A 15 2.14 -9.95 -6.58
CA ALA A 15 2.97 -11.04 -6.00
C ALA A 15 2.28 -11.65 -4.78
N LEU A 16 1.54 -10.86 -4.04
CA LEU A 16 0.84 -11.39 -2.85
C LEU A 16 -0.67 -11.47 -3.09
N THR A 17 -1.20 -12.66 -3.19
CA THR A 17 -2.66 -12.81 -3.45
C THR A 17 -3.20 -14.08 -2.79
N GLY A 18 -2.74 -14.40 -1.62
CA GLY A 18 -3.21 -15.65 -0.94
C GLY A 18 -4.23 -15.28 0.14
N TYR A 19 -4.29 -16.06 1.20
CA TYR A 19 -5.27 -15.77 2.28
C TYR A 19 -4.59 -15.85 3.66
N LEU A 20 -4.96 -14.99 4.56
CA LEU A 20 -4.34 -15.01 5.92
C LEU A 20 -5.22 -14.26 6.91
N ASP A 21 -5.47 -14.83 8.06
CA ASP A 21 -6.30 -14.12 9.08
C ASP A 21 -5.45 -13.10 9.84
N TYR A 22 -5.94 -12.63 10.97
CA TYR A 22 -5.16 -11.63 11.75
C TYR A 22 -4.28 -12.35 12.78
N VAL A 23 -3.00 -12.12 12.75
CA VAL A 23 -2.09 -12.78 13.73
C VAL A 23 -1.69 -11.79 14.82
N LEU A 24 -0.48 -11.90 15.32
CA LEU A 24 -0.03 -10.98 16.40
C LEU A 24 -0.21 -9.53 15.96
N LEU A 25 0.07 -9.23 14.72
CA LEU A 25 -0.09 -7.83 14.23
C LEU A 25 -0.26 -7.80 12.71
N PRO A 26 -1.19 -7.00 12.26
CA PRO A 26 -1.45 -6.87 10.81
C PRO A 26 -0.32 -6.09 10.14
N ALA A 27 0.88 -6.61 10.15
CA ALA A 27 2.02 -5.89 9.52
C ALA A 27 1.69 -5.56 8.06
N LEU A 28 1.06 -6.46 7.37
CA LEU A 28 0.70 -6.18 5.94
C LEU A 28 -0.35 -5.08 5.85
N ALA A 29 -1.41 -5.20 6.61
CA ALA A 29 -2.47 -4.15 6.58
C ALA A 29 -1.86 -2.78 6.89
N ILE A 30 -1.01 -2.71 7.87
CA ILE A 30 -0.36 -1.41 8.21
C ILE A 30 0.53 -0.93 7.07
N PHE A 31 1.30 -1.83 6.50
CA PHE A 31 2.19 -1.43 5.37
C PHE A 31 1.37 -0.77 4.25
N ILE A 32 0.25 -1.34 3.91
CA ILE A 32 -0.61 -0.72 2.85
C ILE A 32 -1.12 0.65 3.30
N GLY A 33 -1.56 0.76 4.52
CA GLY A 33 -2.06 2.07 5.02
C GLY A 33 -0.98 3.15 4.83
N LEU A 34 0.22 2.88 5.26
CA LEU A 34 1.32 3.86 5.04
C LEU A 34 1.58 4.05 3.54
N THR A 35 1.52 2.98 2.78
CA THR A 35 1.76 3.09 1.32
C THR A 35 0.69 3.96 0.65
N ILE A 36 -0.56 3.67 0.92
CA ILE A 36 -1.65 4.49 0.33
C ILE A 36 -1.65 5.91 0.92
N TYR A 37 -1.47 6.04 2.20
CA TYR A 37 -1.46 7.42 2.80
C TYR A 37 -0.32 8.24 2.18
N ALA A 38 0.86 7.69 2.13
CA ALA A 38 2.00 8.43 1.53
C ALA A 38 1.72 8.77 0.06
N ILE A 39 1.13 7.86 -0.67
CA ILE A 39 0.84 8.14 -2.11
C ILE A 39 -0.15 9.30 -2.25
N GLN A 40 -1.20 9.30 -1.47
CA GLN A 40 -2.19 10.41 -1.57
C GLN A 40 -1.52 11.75 -1.22
N ARG A 41 -0.65 11.75 -0.25
CA ARG A 41 0.03 13.02 0.12
C ARG A 41 0.94 13.49 -1.02
N LYS A 42 1.78 12.62 -1.50
CA LYS A 42 2.66 13.01 -2.64
C LYS A 42 1.82 13.48 -3.83
N ARG A 43 0.82 12.71 -4.20
CA ARG A 43 -0.06 13.13 -5.33
C ARG A 43 -0.64 14.51 -5.04
N GLN A 44 -1.03 14.76 -3.83
CA GLN A 44 -1.61 16.09 -3.48
C GLN A 44 -1.47 16.34 -1.97
N ALA A 45 -1.36 17.58 -1.58
CA ALA A 45 -1.21 17.89 -0.12
C ALA A 45 -1.21 19.40 0.11
N ASP A 46 -1.68 19.84 1.25
CA ASP A 46 -1.69 21.31 1.53
C ASP A 46 -0.32 21.93 1.20
N THR A 1 1.00 15.10 -10.95
CA THR A 1 0.82 13.87 -10.13
C THR A 1 1.95 12.87 -10.43
N PRO A 2 2.52 12.34 -9.38
CA PRO A 2 3.63 11.37 -9.52
C PRO A 2 3.09 10.01 -10.00
N VAL A 3 2.94 9.86 -11.29
CA VAL A 3 2.43 8.56 -11.82
C VAL A 3 3.36 7.41 -11.43
N LEU A 4 4.64 7.67 -11.36
CA LEU A 4 5.61 6.59 -11.01
C LEU A 4 5.25 6.01 -9.63
N VAL A 5 4.82 6.85 -8.72
CA VAL A 5 4.46 6.35 -7.36
C VAL A 5 3.33 5.33 -7.44
N ILE A 6 2.32 5.61 -8.23
CA ILE A 6 1.19 4.65 -8.36
C ILE A 6 1.67 3.35 -9.02
N LEU A 7 2.53 3.45 -9.98
CA LEU A 7 3.03 2.22 -10.68
C LEU A 7 3.77 1.31 -9.69
N LEU A 8 4.59 1.88 -8.85
CA LEU A 8 5.34 1.05 -7.87
C LEU A 8 4.38 0.37 -6.90
N GLY A 9 3.39 1.09 -6.42
CA GLY A 9 2.41 0.49 -5.48
C GLY A 9 1.63 -0.61 -6.19
N VAL A 10 1.29 -0.40 -7.43
CA VAL A 10 0.50 -1.42 -8.19
C VAL A 10 1.27 -2.74 -8.22
N VAL A 11 2.54 -2.70 -8.50
CA VAL A 11 3.36 -3.95 -8.54
C VAL A 11 3.32 -4.65 -7.18
N GLY A 12 3.42 -3.91 -6.11
CA GLY A 12 3.41 -4.55 -4.76
C GLY A 12 2.09 -5.31 -4.57
N LEU A 13 0.98 -4.75 -4.98
CA LEU A 13 -0.32 -5.46 -4.81
C LEU A 13 -0.30 -6.81 -5.54
N SER A 14 0.30 -6.86 -6.69
CA SER A 14 0.35 -8.15 -7.45
C SER A 14 1.03 -9.24 -6.63
N ALA A 15 2.17 -8.95 -6.06
CA ALA A 15 2.85 -9.96 -5.21
C ALA A 15 1.93 -10.46 -4.11
N LEU A 16 1.07 -9.61 -3.61
CA LEU A 16 0.14 -10.03 -2.53
C LEU A 16 -1.29 -10.15 -3.07
N THR A 17 -1.76 -11.35 -3.30
CA THR A 17 -3.14 -11.52 -3.85
C THR A 17 -3.84 -12.70 -3.17
N GLY A 18 -3.61 -12.90 -1.90
CA GLY A 18 -4.26 -14.05 -1.21
C GLY A 18 -4.72 -13.63 0.18
N TYR A 19 -5.82 -14.16 0.64
CA TYR A 19 -6.31 -13.79 1.99
C TYR A 19 -5.32 -14.22 3.08
N LEU A 20 -5.53 -13.77 4.29
CA LEU A 20 -4.58 -14.14 5.39
C LEU A 20 -5.13 -13.66 6.74
N ASP A 21 -5.22 -14.52 7.71
CA ASP A 21 -5.73 -14.09 9.04
C ASP A 21 -4.73 -13.16 9.72
N TYR A 22 -5.02 -12.73 10.92
CA TYR A 22 -4.10 -11.80 11.62
C TYR A 22 -3.32 -12.56 12.71
N VAL A 23 -2.02 -12.42 12.72
CA VAL A 23 -1.21 -13.12 13.76
C VAL A 23 -0.88 -12.18 14.91
N LEU A 24 0.27 -12.34 15.51
CA LEU A 24 0.64 -11.46 16.65
C LEU A 24 0.63 -9.99 16.22
N LEU A 25 1.01 -9.72 14.99
CA LEU A 25 1.03 -8.32 14.51
C LEU A 25 0.67 -8.25 13.01
N PRO A 26 -0.40 -7.57 12.72
CA PRO A 26 -0.85 -7.43 11.32
C PRO A 26 0.11 -6.54 10.54
N ALA A 27 1.33 -6.97 10.36
CA ALA A 27 2.32 -6.15 9.60
C ALA A 27 1.76 -5.79 8.22
N LEU A 28 0.96 -6.65 7.66
CA LEU A 28 0.38 -6.37 6.31
C LEU A 28 -0.63 -5.23 6.39
N ALA A 29 -1.51 -5.28 7.36
CA ALA A 29 -2.51 -4.18 7.51
C ALA A 29 -1.82 -2.83 7.62
N ILE A 30 -0.79 -2.74 8.42
CA ILE A 30 -0.05 -1.47 8.56
C ILE A 30 0.64 -1.10 7.24
N PHE A 31 1.27 -2.05 6.61
CA PHE A 31 1.96 -1.77 5.32
C PHE A 31 0.99 -1.15 4.32
N ILE A 32 -0.18 -1.71 4.17
CA ILE A 32 -1.18 -1.13 3.23
C ILE A 32 -1.59 0.27 3.68
N GLY A 33 -1.84 0.45 4.95
CA GLY A 33 -2.23 1.79 5.45
C GLY A 33 -1.18 2.82 5.06
N LEU A 34 0.07 2.56 5.35
CA LEU A 34 1.15 3.50 4.94
C LEU A 34 1.20 3.61 3.42
N THR A 35 0.99 2.54 2.71
CA THR A 35 1.03 2.58 1.23
C THR A 35 -0.12 3.46 0.69
N ILE A 36 -1.31 3.22 1.14
CA ILE A 36 -2.47 4.04 0.68
C ILE A 36 -2.34 5.49 1.17
N TYR A 37 -1.95 5.69 2.41
CA TYR A 37 -1.80 7.08 2.91
C TYR A 37 -0.77 7.83 2.07
N ALA A 38 0.38 7.24 1.86
CA ALA A 38 1.42 7.90 1.02
C ALA A 38 0.89 8.22 -0.38
N ILE A 39 0.13 7.32 -0.96
CA ILE A 39 -0.41 7.57 -2.33
C ILE A 39 -1.36 8.78 -2.31
N GLN A 40 -2.23 8.86 -1.34
CA GLN A 40 -3.16 10.03 -1.29
C GLN A 40 -2.38 11.33 -1.19
N ARG A 41 -1.33 11.35 -0.42
CA ARG A 41 -0.52 12.59 -0.30
C ARG A 41 0.17 12.91 -1.63
N LYS A 42 0.82 11.94 -2.21
CA LYS A 42 1.48 12.18 -3.52
C LYS A 42 0.43 12.62 -4.56
N ARG A 43 -0.63 11.88 -4.70
CA ARG A 43 -1.70 12.28 -5.66
C ARG A 43 -2.18 13.70 -5.34
N GLN A 44 -2.32 14.01 -4.09
CA GLN A 44 -2.79 15.37 -3.70
C GLN A 44 -2.46 15.65 -2.23
N ALA A 45 -2.54 16.88 -1.81
CA ALA A 45 -2.22 17.20 -0.39
C ALA A 45 -0.77 16.86 -0.08
N ASP A 46 0.16 17.38 -0.84
CA ASP A 46 1.60 17.07 -0.58
C ASP A 46 2.12 17.94 0.57
N THR A 1 5.44 13.47 -10.95
CA THR A 1 4.99 12.16 -11.53
C THR A 1 4.58 11.21 -10.40
N PRO A 2 3.58 11.61 -9.66
CA PRO A 2 3.09 10.78 -8.53
C PRO A 2 2.39 9.53 -9.05
N VAL A 3 2.09 9.49 -10.31
CA VAL A 3 1.41 8.29 -10.88
C VAL A 3 2.32 7.07 -10.83
N LEU A 4 3.59 7.26 -11.03
CA LEU A 4 4.54 6.11 -10.99
C LEU A 4 4.48 5.42 -9.62
N VAL A 5 4.33 6.19 -8.58
CA VAL A 5 4.27 5.58 -7.21
C VAL A 5 3.10 4.61 -7.10
N ILE A 6 1.95 4.98 -7.61
CA ILE A 6 0.77 4.08 -7.55
C ILE A 6 1.02 2.82 -8.39
N LEU A 7 1.66 2.97 -9.51
CA LEU A 7 1.93 1.77 -10.37
C LEU A 7 2.83 0.77 -9.65
N LEU A 8 3.86 1.24 -9.00
CA LEU A 8 4.76 0.32 -8.27
C LEU A 8 4.02 -0.39 -7.14
N GLY A 9 3.21 0.34 -6.40
CA GLY A 9 2.45 -0.31 -5.29
C GLY A 9 1.46 -1.32 -5.86
N VAL A 10 0.84 -0.99 -6.97
CA VAL A 10 -0.15 -1.92 -7.58
C VAL A 10 0.51 -3.27 -7.90
N VAL A 11 1.67 -3.24 -8.49
CA VAL A 11 2.38 -4.51 -8.83
C VAL A 11 2.68 -5.31 -7.56
N GLY A 12 3.09 -4.65 -6.51
CA GLY A 12 3.40 -5.38 -5.25
C GLY A 12 2.16 -6.13 -4.75
N LEU A 13 1.01 -5.50 -4.83
CA LEU A 13 -0.23 -6.18 -4.36
C LEU A 13 -0.48 -7.46 -5.15
N SER A 14 -0.21 -7.44 -6.44
CA SER A 14 -0.45 -8.65 -7.27
C SER A 14 0.37 -9.85 -6.74
N ALA A 15 1.63 -9.64 -6.46
CA ALA A 15 2.45 -10.76 -5.92
C ALA A 15 1.81 -11.32 -4.65
N LEU A 16 1.17 -10.49 -3.88
CA LEU A 16 0.52 -10.98 -2.62
C LEU A 16 -1.00 -11.03 -2.78
N THR A 17 -1.56 -12.21 -2.84
CA THR A 17 -3.04 -12.32 -3.00
C THR A 17 -3.56 -13.60 -2.36
N GLY A 18 -3.04 -13.96 -1.22
CA GLY A 18 -3.50 -15.22 -0.56
C GLY A 18 -4.49 -14.89 0.56
N TYR A 19 -4.54 -15.70 1.59
CA TYR A 19 -5.49 -15.44 2.70
C TYR A 19 -4.78 -15.61 4.05
N LEU A 20 -5.13 -14.80 5.01
CA LEU A 20 -4.49 -14.90 6.36
C LEU A 20 -5.28 -14.08 7.39
N ASP A 21 -5.47 -14.61 8.55
CA ASP A 21 -6.21 -13.85 9.61
C ASP A 21 -5.27 -12.86 10.29
N TYR A 22 -5.69 -12.32 11.42
CA TYR A 22 -4.82 -11.33 12.13
C TYR A 22 -3.88 -12.05 13.10
N VAL A 23 -2.60 -11.86 12.95
CA VAL A 23 -1.63 -12.55 13.87
C VAL A 23 -1.13 -11.56 14.93
N LEU A 24 0.10 -11.70 15.34
CA LEU A 24 0.64 -10.79 16.39
C LEU A 24 0.49 -9.33 15.95
N LEU A 25 0.70 -9.06 14.69
CA LEU A 25 0.56 -7.66 14.20
C LEU A 25 0.23 -7.63 12.70
N PRO A 26 -0.70 -6.79 12.35
CA PRO A 26 -1.11 -6.66 10.92
C PRO A 26 -0.02 -5.95 10.12
N ALA A 27 1.15 -6.55 10.02
CA ALA A 27 2.25 -5.92 9.25
C ALA A 27 1.78 -5.56 7.84
N LEU A 28 1.06 -6.45 7.20
CA LEU A 28 0.56 -6.16 5.83
C LEU A 28 -0.45 -5.02 5.84
N ALA A 29 -1.44 -5.10 6.70
CA ALA A 29 -2.46 -4.02 6.78
C ALA A 29 -1.76 -2.67 7.03
N ILE A 30 -0.81 -2.63 7.92
CA ILE A 30 -0.09 -1.36 8.19
C ILE A 30 0.71 -0.92 6.96
N PHE A 31 1.38 -1.83 6.32
CA PHE A 31 2.17 -1.47 5.10
C PHE A 31 1.26 -0.78 4.08
N ILE A 32 0.09 -1.30 3.85
CA ILE A 32 -0.85 -0.65 2.88
C ILE A 32 -1.26 0.73 3.38
N GLY A 33 -1.58 0.84 4.64
CA GLY A 33 -1.97 2.17 5.19
C GLY A 33 -0.89 3.21 4.88
N LEU A 34 0.34 2.91 5.18
CA LEU A 34 1.44 3.87 4.85
C LEU A 34 1.54 4.05 3.33
N THR A 35 1.33 3.01 2.58
CA THR A 35 1.41 3.13 1.09
C THR A 35 0.31 4.05 0.56
N ILE A 36 -0.91 3.82 0.97
CA ILE A 36 -2.02 4.69 0.52
C ILE A 36 -1.89 6.11 1.10
N TYR A 37 -1.54 6.23 2.35
CA TYR A 37 -1.38 7.59 2.94
C TYR A 37 -0.30 8.36 2.19
N ALA A 38 0.84 7.75 2.00
CA ALA A 38 1.94 8.43 1.24
C ALA A 38 1.49 8.80 -0.17
N ILE A 39 0.77 7.92 -0.83
CA ILE A 39 0.31 8.22 -2.21
C ILE A 39 -0.62 9.44 -2.22
N GLN A 40 -1.57 9.50 -1.33
CA GLN A 40 -2.49 10.67 -1.30
C GLN A 40 -1.71 11.95 -1.05
N ARG A 41 -0.72 11.91 -0.19
CA ARG A 41 0.08 13.14 0.08
C ARG A 41 0.87 13.53 -1.17
N LYS A 42 1.60 12.61 -1.73
CA LYS A 42 2.38 12.92 -2.97
C LYS A 42 1.43 13.44 -4.06
N ARG A 43 0.37 12.74 -4.32
CA ARG A 43 -0.61 13.21 -5.35
C ARG A 43 -1.11 14.61 -4.98
N GLN A 44 -1.34 14.85 -3.72
CA GLN A 44 -1.82 16.20 -3.29
C GLN A 44 -1.55 16.39 -1.79
N ALA A 45 -1.18 17.58 -1.40
CA ALA A 45 -0.89 17.82 0.04
C ALA A 45 -2.19 18.15 0.79
N ASP A 46 -2.76 19.30 0.54
CA ASP A 46 -4.01 19.66 1.25
C ASP A 46 -4.66 20.88 0.57
N THR A 1 -1.38 13.31 -12.23
CA THR A 1 -0.62 12.88 -11.03
C THR A 1 0.71 12.24 -11.46
N PRO A 2 1.46 11.79 -10.48
CA PRO A 2 2.76 11.13 -10.77
C PRO A 2 2.54 9.69 -11.20
N VAL A 3 2.77 9.40 -12.46
CA VAL A 3 2.57 8.01 -12.96
C VAL A 3 3.50 7.04 -12.23
N LEU A 4 4.72 7.43 -12.00
CA LEU A 4 5.68 6.52 -11.31
C LEU A 4 5.11 6.07 -9.96
N VAL A 5 4.55 6.98 -9.21
CA VAL A 5 3.97 6.61 -7.89
C VAL A 5 2.82 5.61 -8.06
N ILE A 6 1.93 5.88 -8.98
CA ILE A 6 0.79 4.94 -9.21
C ILE A 6 1.31 3.62 -9.78
N LEU A 7 2.27 3.67 -10.64
CA LEU A 7 2.81 2.41 -11.24
C LEU A 7 3.46 1.54 -10.16
N LEU A 8 4.23 2.14 -9.30
CA LEU A 8 4.91 1.35 -8.22
C LEU A 8 3.86 0.72 -7.29
N GLY A 9 2.87 1.47 -6.90
CA GLY A 9 1.83 0.92 -6.00
C GLY A 9 1.06 -0.20 -6.71
N VAL A 10 0.80 -0.03 -7.97
CA VAL A 10 0.06 -1.07 -8.74
C VAL A 10 0.81 -2.41 -8.68
N VAL A 11 2.09 -2.38 -8.92
CA VAL A 11 2.89 -3.64 -8.88
C VAL A 11 2.81 -4.28 -7.50
N GLY A 12 2.89 -3.49 -6.45
CA GLY A 12 2.84 -4.06 -5.08
C GLY A 12 1.50 -4.78 -4.87
N LEU A 13 0.42 -4.21 -5.33
CA LEU A 13 -0.91 -4.85 -5.14
C LEU A 13 -0.93 -6.23 -5.83
N SER A 14 -0.36 -6.33 -7.00
CA SER A 14 -0.36 -7.63 -7.72
C SER A 14 0.35 -8.71 -6.89
N ALA A 15 1.52 -8.41 -6.38
CA ALA A 15 2.23 -9.42 -5.54
C ALA A 15 1.35 -9.85 -4.37
N LEU A 16 0.56 -8.96 -3.85
CA LEU A 16 -0.32 -9.32 -2.69
C LEU A 16 -1.78 -9.42 -3.14
N THR A 17 -2.30 -10.61 -3.26
CA THR A 17 -3.72 -10.77 -3.71
C THR A 17 -4.38 -11.94 -2.98
N GLY A 18 -4.08 -12.14 -1.72
CA GLY A 18 -4.69 -13.28 -0.99
C GLY A 18 -5.09 -12.83 0.41
N TYR A 19 -6.17 -13.36 0.93
CA TYR A 19 -6.61 -12.96 2.30
C TYR A 19 -5.62 -13.48 3.35
N LEU A 20 -5.80 -13.09 4.58
CA LEU A 20 -4.87 -13.55 5.65
C LEU A 20 -5.36 -13.05 7.02
N ASP A 21 -5.47 -13.93 7.98
CA ASP A 21 -5.93 -13.51 9.33
C ASP A 21 -4.85 -12.65 10.01
N TYR A 22 -5.07 -12.28 11.24
CA TYR A 22 -4.06 -11.43 11.95
C TYR A 22 -3.36 -12.24 13.04
N VAL A 23 -2.05 -12.20 13.07
CA VAL A 23 -1.32 -12.96 14.11
C VAL A 23 -0.98 -12.06 15.31
N LEU A 24 0.13 -12.30 15.94
CA LEU A 24 0.51 -11.45 17.11
C LEU A 24 0.66 -9.99 16.69
N LEU A 25 1.20 -9.77 15.52
CA LEU A 25 1.38 -8.36 15.04
C LEU A 25 1.01 -8.23 13.56
N PRO A 26 -0.06 -7.53 13.31
CA PRO A 26 -0.53 -7.33 11.93
C PRO A 26 0.42 -6.40 11.16
N ALA A 27 1.65 -6.81 11.00
CA ALA A 27 2.63 -5.95 10.27
C ALA A 27 2.15 -5.71 8.83
N LEU A 28 1.44 -6.65 8.27
CA LEU A 28 0.96 -6.49 6.86
C LEU A 28 -0.09 -5.37 6.80
N ALA A 29 -1.06 -5.40 7.67
CA ALA A 29 -2.10 -4.32 7.66
C ALA A 29 -1.44 -2.95 7.80
N ILE A 30 -0.49 -2.83 8.69
CA ILE A 30 0.20 -1.52 8.87
C ILE A 30 1.00 -1.17 7.61
N PHE A 31 1.71 -2.12 7.06
CA PHE A 31 2.50 -1.86 5.83
C PHE A 31 1.61 -1.27 4.73
N ILE A 32 0.44 -1.83 4.53
CA ILE A 32 -0.47 -1.29 3.48
C ILE A 32 -0.91 0.12 3.85
N GLY A 33 -1.26 0.35 5.09
CA GLY A 33 -1.68 1.71 5.52
C GLY A 33 -0.60 2.73 5.17
N LEU A 34 0.62 2.48 5.55
CA LEU A 34 1.73 3.40 5.19
C LEU A 34 1.90 3.45 3.66
N THR A 35 1.76 2.33 3.00
CA THR A 35 1.90 2.31 1.51
C THR A 35 0.79 3.14 0.86
N ILE A 36 -0.44 2.90 1.23
CA ILE A 36 -1.56 3.69 0.65
C ILE A 36 -1.49 5.16 1.11
N TYR A 37 -1.22 5.40 2.36
CA TYR A 37 -1.13 6.81 2.84
C TYR A 37 -0.02 7.55 2.07
N ALA A 38 1.15 6.96 2.00
CA ALA A 38 2.26 7.60 1.26
C ALA A 38 1.89 7.83 -0.21
N ILE A 39 1.23 6.89 -0.82
CA ILE A 39 0.83 7.06 -2.25
C ILE A 39 -0.14 8.22 -2.42
N GLN A 40 -1.14 8.31 -1.57
CA GLN A 40 -2.11 9.43 -1.68
C GLN A 40 -1.41 10.78 -1.48
N ARG A 41 -0.53 10.85 -0.53
CA ARG A 41 0.19 12.13 -0.28
C ARG A 41 1.10 12.47 -1.46
N LYS A 42 1.92 11.54 -1.88
CA LYS A 42 2.80 11.79 -3.05
C LYS A 42 1.96 12.14 -4.28
N ARG A 43 0.96 11.34 -4.57
CA ARG A 43 0.09 11.64 -5.75
C ARG A 43 -0.52 13.03 -5.58
N GLN A 44 -0.93 13.38 -4.39
CA GLN A 44 -1.54 14.72 -4.16
C GLN A 44 -1.43 15.10 -2.67
N ALA A 45 -1.48 16.36 -2.37
CA ALA A 45 -1.37 16.78 -0.94
C ALA A 45 -2.73 17.27 -0.43
N ASP A 46 -3.14 16.81 0.72
CA ASP A 46 -4.45 17.26 1.28
C ASP A 46 -4.34 17.53 2.78
N THR A 1 6.34 13.38 -11.20
CA THR A 1 5.87 12.05 -11.65
C THR A 1 5.05 11.38 -10.54
N PRO A 2 3.88 11.91 -10.32
CA PRO A 2 2.98 11.35 -9.27
C PRO A 2 2.40 10.01 -9.73
N VAL A 3 2.15 9.87 -11.00
CA VAL A 3 1.59 8.58 -11.51
C VAL A 3 2.56 7.42 -11.24
N LEU A 4 3.83 7.68 -11.32
CA LEU A 4 4.83 6.60 -11.07
C LEU A 4 4.63 5.99 -9.68
N VAL A 5 4.29 6.81 -8.71
CA VAL A 5 4.09 6.29 -7.33
C VAL A 5 2.96 5.25 -7.31
N ILE A 6 1.88 5.53 -7.99
CA ILE A 6 0.75 4.56 -8.02
C ILE A 6 1.18 3.27 -8.75
N LEU A 7 1.95 3.40 -9.78
CA LEU A 7 2.39 2.18 -10.53
C LEU A 7 3.20 1.25 -9.62
N LEU A 8 4.08 1.80 -8.83
CA LEU A 8 4.89 0.95 -7.91
C LEU A 8 3.97 0.24 -6.90
N GLY A 9 3.01 0.94 -6.36
CA GLY A 9 2.09 0.29 -5.38
C GLY A 9 1.30 -0.82 -6.07
N VAL A 10 0.90 -0.59 -7.29
CA VAL A 10 0.11 -1.63 -8.03
C VAL A 10 0.89 -2.94 -8.09
N VAL A 11 2.16 -2.87 -8.40
CA VAL A 11 2.98 -4.12 -8.48
C VAL A 11 3.00 -4.83 -7.12
N GLY A 12 3.07 -4.10 -6.05
CA GLY A 12 3.09 -4.74 -4.71
C GLY A 12 1.82 -5.58 -4.51
N LEU A 13 0.70 -5.08 -4.93
CA LEU A 13 -0.57 -5.86 -4.77
C LEU A 13 -0.45 -7.23 -5.45
N SER A 14 0.22 -7.29 -6.56
CA SER A 14 0.37 -8.59 -7.28
C SER A 14 1.06 -9.62 -6.38
N ALA A 15 2.16 -9.26 -5.78
CA ALA A 15 2.87 -10.21 -4.86
C ALA A 15 1.90 -10.72 -3.78
N LEU A 16 1.03 -9.87 -3.31
CA LEU A 16 0.06 -10.30 -2.26
C LEU A 16 -1.35 -10.43 -2.85
N THR A 17 -1.79 -11.63 -3.10
CA THR A 17 -3.15 -11.82 -3.68
C THR A 17 -3.85 -13.03 -3.05
N GLY A 18 -3.66 -13.23 -1.77
CA GLY A 18 -4.30 -14.41 -1.10
C GLY A 18 -4.79 -14.00 0.29
N TYR A 19 -5.87 -14.58 0.74
CA TYR A 19 -6.38 -14.25 2.10
C TYR A 19 -5.37 -14.65 3.18
N LEU A 20 -5.56 -14.22 4.39
CA LEU A 20 -4.61 -14.57 5.48
C LEU A 20 -5.15 -14.07 6.83
N ASP A 21 -5.20 -14.93 7.82
CA ASP A 21 -5.70 -14.50 9.15
C ASP A 21 -4.74 -13.47 9.77
N TYR A 22 -5.05 -13.00 10.95
CA TYR A 22 -4.16 -11.99 11.60
C TYR A 22 -3.24 -12.67 12.62
N VAL A 23 -1.96 -12.46 12.53
CA VAL A 23 -1.02 -13.09 13.50
C VAL A 23 -0.75 -12.14 14.67
N LEU A 24 0.36 -12.30 15.32
CA LEU A 24 0.66 -11.43 16.50
C LEU A 24 0.76 -9.96 16.05
N LEU A 25 1.42 -9.71 14.95
CA LEU A 25 1.54 -8.30 14.47
C LEU A 25 1.10 -8.19 13.01
N PRO A 26 -0.01 -7.54 12.80
CA PRO A 26 -0.53 -7.36 11.42
C PRO A 26 0.35 -6.39 10.63
N ALA A 27 1.57 -6.78 10.37
CA ALA A 27 2.49 -5.90 9.60
C ALA A 27 1.91 -5.61 8.21
N LEU A 28 1.19 -6.55 7.66
CA LEU A 28 0.61 -6.35 6.30
C LEU A 28 -0.45 -5.24 6.34
N ALA A 29 -1.36 -5.32 7.25
CA ALA A 29 -2.42 -4.27 7.35
C ALA A 29 -1.77 -2.89 7.52
N ILE A 30 -0.78 -2.78 8.37
CA ILE A 30 -0.09 -1.47 8.55
C ILE A 30 0.67 -1.08 7.29
N PHE A 31 1.36 -2.02 6.70
CA PHE A 31 2.12 -1.70 5.44
C PHE A 31 1.19 -1.10 4.39
N ILE A 32 0.04 -1.70 4.18
CA ILE A 32 -0.92 -1.15 3.17
C ILE A 32 -1.40 0.25 3.60
N GLY A 33 -1.73 0.40 4.85
CA GLY A 33 -2.19 1.74 5.33
C GLY A 33 -1.14 2.80 5.01
N LEU A 34 0.09 2.57 5.36
CA LEU A 34 1.16 3.54 5.03
C LEU A 34 1.31 3.65 3.50
N THR A 35 1.20 2.56 2.80
CA THR A 35 1.35 2.60 1.32
C THR A 35 0.21 3.41 0.70
N ILE A 36 -1.02 3.13 1.06
CA ILE A 36 -2.16 3.91 0.52
C ILE A 36 -2.13 5.36 1.03
N TYR A 37 -1.87 5.56 2.30
CA TYR A 37 -1.81 6.95 2.82
C TYR A 37 -0.74 7.76 2.08
N ALA A 38 0.44 7.21 1.95
CA ALA A 38 1.52 7.92 1.21
C ALA A 38 1.10 8.22 -0.23
N ILE A 39 0.42 7.30 -0.86
CA ILE A 39 0.00 7.54 -2.27
C ILE A 39 -0.96 8.73 -2.36
N GLN A 40 -1.93 8.80 -1.48
CA GLN A 40 -2.87 9.95 -1.51
C GLN A 40 -2.12 11.27 -1.35
N ARG A 41 -1.15 11.30 -0.48
CA ARG A 41 -0.38 12.56 -0.28
C ARG A 41 0.44 12.88 -1.53
N LYS A 42 1.18 11.92 -2.02
CA LYS A 42 1.98 12.16 -3.26
C LYS A 42 1.07 12.60 -4.40
N ARG A 43 0.03 11.87 -4.67
CA ARG A 43 -0.93 12.27 -5.73
C ARG A 43 -1.50 13.67 -5.43
N GLN A 44 -1.71 13.96 -4.18
CA GLN A 44 -2.26 15.30 -3.80
C GLN A 44 -2.02 15.56 -2.31
N ALA A 45 -1.64 16.76 -1.96
CA ALA A 45 -1.39 17.08 -0.53
C ALA A 45 -1.31 18.59 -0.32
N ASP A 46 -1.86 19.07 0.77
CA ASP A 46 -1.81 20.54 1.04
C ASP A 46 -0.40 20.94 1.50
N THR A 1 2.40 14.76 -9.62
CA THR A 1 1.46 13.59 -9.60
C THR A 1 2.25 12.28 -9.64
N PRO A 2 2.39 11.68 -8.49
CA PRO A 2 3.17 10.42 -8.38
C PRO A 2 2.34 9.23 -8.87
N VAL A 3 1.99 9.22 -10.13
CA VAL A 3 1.20 8.08 -10.69
C VAL A 3 2.07 6.82 -10.75
N LEU A 4 3.34 6.98 -11.01
CA LEU A 4 4.24 5.80 -11.08
C LEU A 4 4.25 5.05 -9.74
N VAL A 5 4.16 5.77 -8.66
CA VAL A 5 4.18 5.13 -7.31
C VAL A 5 3.04 4.12 -7.18
N ILE A 6 1.88 4.46 -7.68
CA ILE A 6 0.73 3.52 -7.58
C ILE A 6 0.99 2.26 -8.41
N LEU A 7 1.62 2.41 -9.55
CA LEU A 7 1.90 1.22 -10.41
C LEU A 7 2.80 0.24 -9.67
N LEU A 8 3.81 0.72 -9.00
CA LEU A 8 4.72 -0.20 -8.25
C LEU A 8 3.95 -0.91 -7.14
N GLY A 9 3.11 -0.21 -6.43
CA GLY A 9 2.32 -0.85 -5.34
C GLY A 9 1.37 -1.90 -5.93
N VAL A 10 0.79 -1.59 -7.06
CA VAL A 10 -0.16 -2.56 -7.69
C VAL A 10 0.54 -3.89 -7.96
N VAL A 11 1.74 -3.84 -8.50
CA VAL A 11 2.48 -5.09 -8.79
C VAL A 11 2.71 -5.89 -7.51
N GLY A 12 3.04 -5.23 -6.43
CA GLY A 12 3.28 -5.97 -5.15
C GLY A 12 2.03 -6.73 -4.75
N LEU A 13 0.87 -6.15 -4.93
CA LEU A 13 -0.39 -6.85 -4.55
C LEU A 13 -0.54 -8.15 -5.36
N SER A 14 -0.17 -8.13 -6.60
CA SER A 14 -0.29 -9.37 -7.43
C SER A 14 0.48 -10.52 -6.81
N ALA A 15 1.71 -10.30 -6.41
CA ALA A 15 2.49 -11.39 -5.76
C ALA A 15 1.73 -11.96 -4.56
N LEU A 16 0.98 -11.14 -3.89
CA LEU A 16 0.21 -11.64 -2.71
C LEU A 16 -1.29 -11.70 -3.03
N THR A 17 -1.82 -12.89 -3.16
CA THR A 17 -3.26 -13.03 -3.49
C THR A 17 -3.85 -14.29 -2.84
N GLY A 18 -3.45 -14.60 -1.64
CA GLY A 18 -3.97 -15.83 -0.98
C GLY A 18 -4.96 -15.44 0.11
N TYR A 19 -5.01 -16.20 1.18
CA TYR A 19 -5.96 -15.88 2.28
C TYR A 19 -5.25 -15.90 3.63
N LEU A 20 -5.57 -14.96 4.49
CA LEU A 20 -4.89 -14.91 5.82
C LEU A 20 -5.50 -13.79 6.67
N ASP A 21 -5.64 -14.00 7.94
CA ASP A 21 -6.18 -12.92 8.82
C ASP A 21 -5.06 -12.30 9.65
N TYR A 22 -5.30 -11.15 10.23
CA TYR A 22 -4.23 -10.49 11.05
C TYR A 22 -3.77 -11.41 12.17
N VAL A 23 -2.49 -11.44 12.44
CA VAL A 23 -1.98 -12.32 13.52
C VAL A 23 -1.62 -11.50 14.76
N LEU A 24 -0.49 -11.76 15.36
CA LEU A 24 -0.10 -10.98 16.57
C LEU A 24 0.02 -9.50 16.24
N LEU A 25 0.44 -9.18 15.04
CA LEU A 25 0.56 -7.74 14.66
C LEU A 25 0.20 -7.56 13.18
N PRO A 26 -0.60 -6.56 12.92
CA PRO A 26 -1.04 -6.27 11.54
C PRO A 26 0.08 -5.57 10.77
N ALA A 27 1.25 -6.17 10.73
CA ALA A 27 2.38 -5.54 9.98
C ALA A 27 1.96 -5.19 8.56
N LEU A 28 1.25 -6.08 7.91
CA LEU A 28 0.80 -5.81 6.51
C LEU A 28 -0.23 -4.67 6.49
N ALA A 29 -1.22 -4.75 7.34
CA ALA A 29 -2.24 -3.66 7.37
C ALA A 29 -1.57 -2.31 7.61
N ILE A 30 -0.64 -2.25 8.53
CA ILE A 30 0.07 -0.96 8.79
C ILE A 30 0.89 -0.55 7.56
N PHE A 31 1.57 -1.48 6.95
CA PHE A 31 2.39 -1.14 5.75
C PHE A 31 1.50 -0.49 4.67
N ILE A 32 0.35 -1.05 4.41
CA ILE A 32 -0.55 -0.44 3.39
C ILE A 32 -1.01 0.95 3.85
N GLY A 33 -1.38 1.08 5.10
CA GLY A 33 -1.83 2.40 5.61
C GLY A 33 -0.76 3.46 5.34
N LEU A 34 0.47 3.18 5.69
CA LEU A 34 1.56 4.15 5.39
C LEU A 34 1.74 4.30 3.87
N THR A 35 1.61 3.23 3.14
CA THR A 35 1.78 3.31 1.66
C THR A 35 0.66 4.16 1.04
N ILE A 36 -0.57 3.88 1.38
CA ILE A 36 -1.70 4.69 0.85
C ILE A 36 -1.67 6.12 1.42
N TYR A 37 -1.42 6.27 2.69
CA TYR A 37 -1.37 7.64 3.28
C TYR A 37 -0.28 8.46 2.57
N ALA A 38 0.89 7.91 2.43
CA ALA A 38 1.98 8.65 1.73
C ALA A 38 1.60 8.98 0.28
N ILE A 39 0.95 8.06 -0.38
CA ILE A 39 0.54 8.32 -1.80
C ILE A 39 -0.47 9.47 -1.88
N GLN A 40 -1.45 9.47 -1.03
CA GLN A 40 -2.46 10.58 -1.06
C GLN A 40 -1.78 11.92 -0.76
N ARG A 41 -0.87 11.92 0.18
CA ARG A 41 -0.18 13.20 0.51
C ARG A 41 0.67 13.67 -0.67
N LYS A 42 1.50 12.82 -1.20
CA LYS A 42 2.31 13.21 -2.38
C LYS A 42 1.39 13.64 -3.53
N ARG A 43 0.39 12.86 -3.83
CA ARG A 43 -0.56 13.24 -4.91
C ARG A 43 -1.21 14.59 -4.57
N GLN A 44 -1.54 14.80 -3.33
CA GLN A 44 -2.18 16.09 -2.93
C GLN A 44 -1.91 16.36 -1.45
N ALA A 45 -1.82 17.61 -1.07
CA ALA A 45 -1.56 17.95 0.35
C ALA A 45 -2.82 17.70 1.20
N ASP A 46 -2.85 18.22 2.39
CA ASP A 46 -4.05 18.01 3.27
C ASP A 46 -3.92 18.85 4.53
N THR A 1 5.87 13.47 -11.56
CA THR A 1 5.21 12.25 -12.12
C THR A 1 4.50 11.48 -11.01
N PRO A 2 3.36 11.97 -10.62
CA PRO A 2 2.57 11.33 -9.55
C PRO A 2 2.03 9.98 -10.02
N VAL A 3 1.85 9.82 -11.30
CA VAL A 3 1.32 8.54 -11.84
C VAL A 3 2.28 7.39 -11.51
N LEU A 4 3.55 7.65 -11.50
CA LEU A 4 4.54 6.58 -11.18
C LEU A 4 4.26 5.98 -9.80
N VAL A 5 3.85 6.81 -8.88
CA VAL A 5 3.57 6.31 -7.50
C VAL A 5 2.44 5.27 -7.53
N ILE A 6 1.40 5.53 -8.28
CA ILE A 6 0.27 4.55 -8.36
C ILE A 6 0.75 3.26 -9.04
N LEU A 7 1.58 3.37 -10.04
CA LEU A 7 2.07 2.15 -10.75
C LEU A 7 2.87 1.27 -9.80
N LEU A 8 3.73 1.86 -9.01
CA LEU A 8 4.54 1.04 -8.05
C LEU A 8 3.63 0.34 -7.05
N GLY A 9 2.65 1.03 -6.54
CA GLY A 9 1.73 0.39 -5.54
C GLY A 9 0.94 -0.72 -6.23
N VAL A 10 0.56 -0.51 -7.46
CA VAL A 10 -0.22 -1.56 -8.19
C VAL A 10 0.56 -2.88 -8.23
N VAL A 11 1.82 -2.81 -8.53
CA VAL A 11 2.65 -4.05 -8.58
C VAL A 11 2.64 -4.76 -7.22
N GLY A 12 2.72 -4.01 -6.15
CA GLY A 12 2.72 -4.64 -4.80
C GLY A 12 1.42 -5.43 -4.60
N LEU A 13 0.31 -4.90 -5.02
CA LEU A 13 -0.97 -5.63 -4.86
C LEU A 13 -0.93 -6.98 -5.57
N SER A 14 -0.32 -7.03 -6.72
CA SER A 14 -0.23 -8.32 -7.48
C SER A 14 0.47 -9.39 -6.64
N ALA A 15 1.61 -9.07 -6.07
CA ALA A 15 2.31 -10.06 -5.21
C ALA A 15 1.39 -10.56 -4.11
N LEU A 16 0.53 -9.71 -3.61
CA LEU A 16 -0.40 -10.14 -2.53
C LEU A 16 -1.82 -10.29 -3.06
N THR A 17 -2.24 -11.49 -3.33
CA THR A 17 -3.62 -11.70 -3.87
C THR A 17 -4.32 -12.83 -3.14
N GLY A 18 -4.08 -12.97 -1.86
CA GLY A 18 -4.74 -14.07 -1.09
C GLY A 18 -5.15 -13.56 0.29
N TYR A 19 -6.24 -14.07 0.81
CA TYR A 19 -6.68 -13.62 2.16
C TYR A 19 -5.67 -14.03 3.23
N LEU A 20 -5.88 -13.62 4.45
CA LEU A 20 -4.92 -13.97 5.54
C LEU A 20 -5.43 -13.45 6.89
N ASP A 21 -5.44 -14.29 7.89
CA ASP A 21 -5.93 -13.83 9.23
C ASP A 21 -4.79 -13.16 10.00
N TYR A 22 -5.06 -12.05 10.64
CA TYR A 22 -3.98 -11.35 11.40
C TYR A 22 -3.45 -12.24 12.52
N VAL A 23 -2.17 -12.25 12.74
CA VAL A 23 -1.59 -13.11 13.81
C VAL A 23 -1.30 -12.26 15.05
N LEU A 24 -0.18 -12.50 15.68
CA LEU A 24 0.17 -11.72 16.90
C LEU A 24 0.38 -10.25 16.55
N LEU A 25 0.92 -9.98 15.40
CA LEU A 25 1.15 -8.55 15.00
C LEU A 25 0.85 -8.36 13.51
N PRO A 26 -0.24 -7.69 13.24
CA PRO A 26 -0.66 -7.46 11.84
C PRO A 26 0.27 -6.43 11.19
N ALA A 27 1.54 -6.75 11.09
CA ALA A 27 2.50 -5.80 10.45
C ALA A 27 2.12 -5.57 8.99
N LEU A 28 1.52 -6.54 8.36
CA LEU A 28 1.14 -6.38 6.92
C LEU A 28 0.05 -5.32 6.78
N ALA A 29 -1.00 -5.42 7.55
CA ALA A 29 -2.09 -4.40 7.48
C ALA A 29 -1.52 -3.00 7.70
N ILE A 30 -0.64 -2.85 8.66
CA ILE A 30 -0.03 -1.51 8.92
C ILE A 30 0.83 -1.08 7.73
N PHE A 31 1.62 -1.97 7.20
CA PHE A 31 2.47 -1.60 6.02
C PHE A 31 1.60 -1.04 4.89
N ILE A 32 0.49 -1.67 4.61
CA ILE A 32 -0.40 -1.15 3.53
C ILE A 32 -0.95 0.23 3.91
N GLY A 33 -1.39 0.39 5.13
CA GLY A 33 -1.93 1.72 5.57
C GLY A 33 -0.90 2.81 5.28
N LEU A 34 0.32 2.61 5.70
CA LEU A 34 1.38 3.62 5.40
C LEU A 34 1.63 3.72 3.89
N THR A 35 1.58 2.61 3.20
CA THR A 35 1.81 2.64 1.73
C THR A 35 0.69 3.43 1.03
N ILE A 36 -0.53 3.14 1.33
CA ILE A 36 -1.66 3.90 0.71
C ILE A 36 -1.69 5.35 1.22
N TYR A 37 -1.48 5.56 2.48
CA TYR A 37 -1.49 6.96 3.01
C TYR A 37 -0.40 7.78 2.31
N ALA A 38 0.79 7.26 2.25
CA ALA A 38 1.90 7.99 1.56
C ALA A 38 1.56 8.24 0.09
N ILE A 39 0.99 7.26 -0.57
CA ILE A 39 0.65 7.44 -2.01
C ILE A 39 -0.40 8.54 -2.20
N GLN A 40 -1.43 8.54 -1.40
CA GLN A 40 -2.48 9.59 -1.54
C GLN A 40 -1.88 10.97 -1.25
N ARG A 41 -1.04 11.06 -0.26
CA ARG A 41 -0.42 12.38 0.07
C ARG A 41 0.48 12.83 -1.07
N LYS A 42 1.40 11.99 -1.50
CA LYS A 42 2.28 12.36 -2.63
C LYS A 42 1.44 12.70 -3.86
N ARG A 43 0.49 11.89 -4.20
CA ARG A 43 -0.38 12.20 -5.36
C ARG A 43 -1.08 13.55 -5.17
N GLN A 44 -1.52 13.83 -3.97
CA GLN A 44 -2.20 15.12 -3.71
C GLN A 44 -2.15 15.44 -2.21
N ALA A 45 -2.28 16.69 -1.85
CA ALA A 45 -2.24 17.05 -0.41
C ALA A 45 -3.62 16.87 0.23
N ASP A 46 -3.88 17.52 1.33
CA ASP A 46 -5.20 17.40 1.99
C ASP A 46 -5.44 18.58 2.94
N THR A 1 6.47 13.41 -11.04
CA THR A 1 6.10 12.05 -11.53
C THR A 1 5.07 11.42 -10.59
N PRO A 2 3.88 11.94 -10.63
CA PRO A 2 2.79 11.42 -9.77
C PRO A 2 2.31 10.06 -10.27
N VAL A 3 2.26 9.87 -11.56
CA VAL A 3 1.81 8.56 -12.11
C VAL A 3 2.75 7.44 -11.65
N LEU A 4 4.01 7.72 -11.52
CA LEU A 4 4.98 6.67 -11.08
C LEU A 4 4.56 6.10 -9.72
N VAL A 5 4.05 6.94 -8.86
CA VAL A 5 3.63 6.45 -7.51
C VAL A 5 2.50 5.41 -7.64
N ILE A 6 1.54 5.67 -8.48
CA ILE A 6 0.43 4.68 -8.67
C ILE A 6 0.97 3.38 -9.27
N LEU A 7 1.90 3.48 -10.19
CA LEU A 7 2.43 2.26 -10.84
C LEU A 7 3.08 1.34 -9.79
N LEU A 8 3.81 1.90 -8.87
CA LEU A 8 4.46 1.06 -7.81
C LEU A 8 3.40 0.50 -6.86
N GLY A 9 2.48 1.31 -6.42
CA GLY A 9 1.46 0.84 -5.46
C GLY A 9 0.61 -0.26 -6.10
N VAL A 10 0.14 -0.02 -7.29
CA VAL A 10 -0.74 -1.02 -7.96
C VAL A 10 0.00 -2.35 -8.13
N VAL A 11 1.25 -2.30 -8.51
CA VAL A 11 2.03 -3.55 -8.68
C VAL A 11 2.15 -4.29 -7.34
N GLY A 12 2.35 -3.57 -6.26
CA GLY A 12 2.48 -4.25 -4.94
C GLY A 12 1.20 -5.05 -4.64
N LEU A 13 0.07 -4.52 -4.97
CA LEU A 13 -1.21 -5.25 -4.71
C LEU A 13 -1.20 -6.62 -5.41
N SER A 14 -0.67 -6.67 -6.61
CA SER A 14 -0.65 -7.96 -7.35
C SER A 14 0.09 -9.03 -6.56
N ALA A 15 1.25 -8.72 -6.04
CA ALA A 15 2.00 -9.72 -5.21
C ALA A 15 1.13 -10.21 -4.05
N LEU A 16 0.31 -9.35 -3.52
CA LEU A 16 -0.57 -9.77 -2.39
C LEU A 16 -2.03 -9.88 -2.85
N THR A 17 -2.51 -11.08 -3.03
CA THR A 17 -3.91 -11.26 -3.50
C THR A 17 -4.57 -12.45 -2.78
N GLY A 18 -4.29 -12.64 -1.52
CA GLY A 18 -4.89 -13.80 -0.78
C GLY A 18 -5.26 -13.36 0.63
N TYR A 19 -6.33 -13.90 1.16
CA TYR A 19 -6.75 -13.52 2.55
C TYR A 19 -5.70 -13.98 3.56
N LEU A 20 -5.84 -13.57 4.80
CA LEU A 20 -4.85 -13.98 5.84
C LEU A 20 -5.33 -13.52 7.22
N ASP A 21 -5.38 -14.41 8.18
CA ASP A 21 -5.82 -14.01 9.55
C ASP A 21 -4.78 -13.09 10.20
N TYR A 22 -4.98 -12.72 11.43
CA TYR A 22 -4.01 -11.80 12.10
C TYR A 22 -3.24 -12.58 13.18
N VAL A 23 -1.94 -12.45 13.19
CA VAL A 23 -1.13 -13.17 14.21
C VAL A 23 -0.77 -12.22 15.35
N LEU A 24 0.39 -12.39 15.94
CA LEU A 24 0.79 -11.52 17.06
C LEU A 24 0.79 -10.05 16.63
N LEU A 25 1.17 -9.78 15.40
CA LEU A 25 1.18 -8.36 14.92
C LEU A 25 0.85 -8.31 13.43
N PRO A 26 -0.23 -7.65 13.12
CA PRO A 26 -0.66 -7.51 11.71
C PRO A 26 0.29 -6.57 10.95
N ALA A 27 1.53 -6.96 10.81
CA ALA A 27 2.51 -6.09 10.08
C ALA A 27 2.02 -5.84 8.65
N LEU A 28 1.34 -6.79 8.06
CA LEU A 28 0.85 -6.61 6.67
C LEU A 28 -0.22 -5.52 6.62
N ALA A 29 -1.20 -5.59 7.49
CA ALA A 29 -2.26 -4.54 7.50
C ALA A 29 -1.64 -3.16 7.68
N ILE A 30 -0.70 -3.02 8.58
CA ILE A 30 -0.05 -1.70 8.79
C ILE A 30 0.77 -1.30 7.55
N PHE A 31 1.50 -2.23 7.00
CA PHE A 31 2.31 -1.92 5.79
C PHE A 31 1.42 -1.34 4.68
N ILE A 32 0.28 -1.94 4.45
CA ILE A 32 -0.64 -1.40 3.39
C ILE A 32 -1.13 -0.01 3.78
N GLY A 33 -1.51 0.19 5.02
CA GLY A 33 -1.99 1.52 5.45
C GLY A 33 -0.93 2.58 5.14
N LEU A 34 0.29 2.36 5.53
CA LEU A 34 1.37 3.33 5.20
C LEU A 34 1.56 3.41 3.68
N THR A 35 1.45 2.32 2.99
CA THR A 35 1.63 2.34 1.51
C THR A 35 0.52 3.16 0.85
N ILE A 36 -0.70 2.90 1.19
CA ILE A 36 -1.83 3.69 0.61
C ILE A 36 -1.78 5.15 1.08
N TYR A 37 -1.53 5.37 2.34
CA TYR A 37 -1.46 6.79 2.84
C TYR A 37 -0.37 7.55 2.09
N ALA A 38 0.80 6.99 1.99
CA ALA A 38 1.90 7.66 1.24
C ALA A 38 1.51 7.91 -0.21
N ILE A 39 0.88 6.96 -0.84
CA ILE A 39 0.48 7.14 -2.27
C ILE A 39 -0.53 8.28 -2.40
N GLN A 40 -1.52 8.33 -1.55
CA GLN A 40 -2.54 9.42 -1.64
C GLN A 40 -1.87 10.78 -1.42
N ARG A 41 -0.94 10.85 -0.49
CA ARG A 41 -0.25 12.15 -0.25
C ARG A 41 0.57 12.55 -1.47
N LYS A 42 1.39 11.66 -1.96
CA LYS A 42 2.20 11.98 -3.17
C LYS A 42 1.27 12.35 -4.33
N ARG A 43 0.26 11.56 -4.58
CA ARG A 43 -0.71 11.89 -5.66
C ARG A 43 -1.37 13.23 -5.38
N GLN A 44 -1.65 13.51 -4.13
CA GLN A 44 -2.29 14.81 -3.77
C GLN A 44 -2.01 15.15 -2.31
N ALA A 45 -1.78 16.40 -2.01
CA ALA A 45 -1.50 16.79 -0.60
C ALA A 45 -2.73 17.44 0.04
N ASP A 46 -3.01 17.12 1.27
CA ASP A 46 -4.20 17.72 1.94
C ASP A 46 -3.95 19.21 2.22
N THR A 1 6.11 13.44 -11.46
CA THR A 1 5.23 12.37 -12.03
C THR A 1 4.53 11.61 -10.90
N PRO A 2 3.45 12.18 -10.44
CA PRO A 2 2.67 11.56 -9.34
C PRO A 2 2.05 10.24 -9.80
N VAL A 3 1.85 10.08 -11.08
CA VAL A 3 1.26 8.81 -11.60
C VAL A 3 2.21 7.63 -11.36
N LEU A 4 3.49 7.88 -11.45
CA LEU A 4 4.46 6.77 -11.23
C LEU A 4 4.29 6.17 -9.83
N VAL A 5 4.01 7.00 -8.86
CA VAL A 5 3.83 6.50 -7.47
C VAL A 5 2.69 5.48 -7.40
N ILE A 6 1.60 5.75 -8.06
CA ILE A 6 0.46 4.80 -8.04
C ILE A 6 0.84 3.50 -8.76
N LEU A 7 1.59 3.60 -9.83
CA LEU A 7 2.00 2.38 -10.58
C LEU A 7 2.82 1.45 -9.68
N LEU A 8 3.73 2.00 -8.92
CA LEU A 8 4.56 1.14 -8.02
C LEU A 8 3.67 0.48 -6.96
N GLY A 9 2.74 1.19 -6.41
CA GLY A 9 1.83 0.59 -5.38
C GLY A 9 1.00 -0.52 -6.02
N VAL A 10 0.56 -0.31 -7.23
CA VAL A 10 -0.27 -1.34 -7.92
C VAL A 10 0.49 -2.67 -8.00
N VAL A 11 1.74 -2.62 -8.38
CA VAL A 11 2.55 -3.86 -8.47
C VAL A 11 2.62 -4.57 -7.11
N GLY A 12 2.77 -3.84 -6.05
CA GLY A 12 2.85 -4.47 -4.70
C GLY A 12 1.57 -5.25 -4.43
N LEU A 13 0.44 -4.71 -4.81
CA LEU A 13 -0.85 -5.43 -4.56
C LEU A 13 -0.85 -6.79 -5.28
N SER A 14 -0.29 -6.85 -6.45
CA SER A 14 -0.27 -8.14 -7.21
C SER A 14 0.44 -9.23 -6.39
N ALA A 15 1.57 -8.93 -5.84
CA ALA A 15 2.28 -9.95 -5.00
C ALA A 15 1.34 -10.46 -3.89
N LEU A 16 0.49 -9.62 -3.39
CA LEU A 16 -0.45 -10.05 -2.31
C LEU A 16 -1.88 -10.18 -2.85
N THR A 17 -2.36 -11.37 -3.03
CA THR A 17 -3.74 -11.56 -3.56
C THR A 17 -4.43 -12.76 -2.89
N GLY A 18 -4.19 -12.97 -1.62
CA GLY A 18 -4.83 -14.13 -0.94
C GLY A 18 -5.29 -13.72 0.46
N TYR A 19 -6.37 -14.27 0.93
CA TYR A 19 -6.87 -13.92 2.29
C TYR A 19 -5.86 -14.35 3.36
N LEU A 20 -6.05 -13.92 4.57
CA LEU A 20 -5.10 -14.29 5.67
C LEU A 20 -5.60 -13.75 7.00
N ASP A 21 -5.64 -14.58 8.01
CA ASP A 21 -6.11 -14.11 9.35
C ASP A 21 -5.10 -13.12 9.95
N TYR A 22 -5.32 -12.68 11.15
CA TYR A 22 -4.39 -11.71 11.78
C TYR A 22 -3.51 -12.41 12.82
N VAL A 23 -2.22 -12.25 12.73
CA VAL A 23 -1.31 -12.90 13.72
C VAL A 23 -1.04 -11.96 14.89
N LEU A 24 0.07 -12.14 15.57
CA LEU A 24 0.37 -11.28 16.74
C LEU A 24 0.50 -9.82 16.30
N LEU A 25 1.18 -9.58 15.21
CA LEU A 25 1.35 -8.18 14.72
C LEU A 25 0.98 -8.07 13.24
N PRO A 26 -0.12 -7.42 12.98
CA PRO A 26 -0.59 -7.24 11.58
C PRO A 26 0.34 -6.28 10.83
N ALA A 27 1.58 -6.66 10.64
CA ALA A 27 2.53 -5.78 9.91
C ALA A 27 2.04 -5.55 8.47
N LEU A 28 1.39 -6.52 7.89
CA LEU A 28 0.91 -6.38 6.49
C LEU A 28 -0.16 -5.28 6.41
N ALA A 29 -1.15 -5.36 7.27
CA ALA A 29 -2.23 -4.31 7.25
C ALA A 29 -1.61 -2.92 7.46
N ILE A 30 -0.71 -2.79 8.39
CA ILE A 30 -0.07 -1.47 8.63
C ILE A 30 0.79 -1.07 7.42
N PHE A 31 1.56 -1.99 6.91
CA PHE A 31 2.41 -1.67 5.73
C PHE A 31 1.56 -1.12 4.58
N ILE A 32 0.44 -1.73 4.31
CA ILE A 32 -0.44 -1.22 3.21
C ILE A 32 -0.96 0.18 3.56
N GLY A 33 -1.40 0.38 4.77
CA GLY A 33 -1.91 1.72 5.17
C GLY A 33 -0.84 2.78 4.91
N LEU A 34 0.36 2.56 5.38
CA LEU A 34 1.46 3.53 5.10
C LEU A 34 1.75 3.60 3.60
N THR A 35 1.69 2.49 2.92
CA THR A 35 1.95 2.50 1.44
C THR A 35 0.88 3.31 0.71
N ILE A 36 -0.37 3.04 0.98
CA ILE A 36 -1.46 3.81 0.32
C ILE A 36 -1.46 5.28 0.79
N TYR A 37 -1.29 5.51 2.07
CA TYR A 37 -1.28 6.93 2.56
C TYR A 37 -0.13 7.69 1.88
N ALA A 38 1.04 7.13 1.88
CA ALA A 38 2.20 7.82 1.22
C ALA A 38 1.93 8.04 -0.27
N ILE A 39 1.35 7.09 -0.93
CA ILE A 39 1.07 7.25 -2.39
C ILE A 39 0.07 8.38 -2.62
N GLN A 40 -0.99 8.43 -1.86
CA GLN A 40 -1.98 9.52 -2.04
C GLN A 40 -1.35 10.89 -1.76
N ARG A 41 -0.56 10.97 -0.72
CA ARG A 41 0.09 12.27 -0.39
C ARG A 41 1.08 12.65 -1.49
N LYS A 42 1.97 11.76 -1.84
CA LYS A 42 2.94 12.06 -2.93
C LYS A 42 2.19 12.41 -4.22
N ARG A 43 1.24 11.60 -4.60
CA ARG A 43 0.45 11.91 -5.83
C ARG A 43 -0.17 13.30 -5.72
N GLN A 44 -0.66 13.64 -4.55
CA GLN A 44 -1.28 14.99 -4.37
C GLN A 44 -1.29 15.36 -2.88
N ALA A 45 -1.26 16.62 -2.57
CA ALA A 45 -1.26 17.04 -1.14
C ALA A 45 -2.48 17.91 -0.83
N ASP A 46 -2.99 17.85 0.36
CA ASP A 46 -4.17 18.68 0.72
C ASP A 46 -3.85 20.16 0.53
N THR A 1 4.16 15.13 -10.92
CA THR A 1 3.09 14.21 -10.45
C THR A 1 3.67 12.82 -10.17
N PRO A 2 3.57 12.40 -8.93
CA PRO A 2 4.13 11.10 -8.52
C PRO A 2 3.24 9.96 -8.99
N VAL A 3 2.89 9.93 -10.25
CA VAL A 3 2.06 8.82 -10.78
C VAL A 3 2.87 7.52 -10.83
N LEU A 4 4.15 7.62 -11.05
CA LEU A 4 5.00 6.39 -11.14
C LEU A 4 4.89 5.58 -9.85
N VAL A 5 4.74 6.25 -8.74
CA VAL A 5 4.67 5.52 -7.43
C VAL A 5 3.51 4.53 -7.43
N ILE A 6 2.44 4.86 -8.10
CA ILE A 6 1.28 3.92 -8.13
C ILE A 6 1.65 2.61 -8.83
N LEU A 7 2.43 2.70 -9.87
CA LEU A 7 2.82 1.46 -10.61
C LEU A 7 3.61 0.52 -9.70
N LEU A 8 4.52 1.06 -8.92
CA LEU A 8 5.31 0.19 -8.00
C LEU A 8 4.40 -0.47 -6.97
N GLY A 9 3.48 0.27 -6.42
CA GLY A 9 2.55 -0.31 -5.41
C GLY A 9 1.69 -1.39 -6.07
N VAL A 10 1.27 -1.15 -7.29
CA VAL A 10 0.42 -2.15 -7.99
C VAL A 10 1.13 -3.51 -8.06
N VAL A 11 2.39 -3.50 -8.41
CA VAL A 11 3.16 -4.77 -8.49
C VAL A 11 3.17 -5.48 -7.14
N GLY A 12 3.32 -4.75 -6.07
CA GLY A 12 3.34 -5.40 -4.72
C GLY A 12 2.02 -6.12 -4.47
N LEU A 13 0.92 -5.52 -4.86
CA LEU A 13 -0.40 -6.19 -4.64
C LEU A 13 -0.45 -7.54 -5.37
N SER A 14 0.11 -7.61 -6.53
CA SER A 14 0.10 -8.89 -7.29
C SER A 14 0.78 -10.01 -6.48
N ALA A 15 1.94 -9.76 -5.94
CA ALA A 15 2.61 -10.79 -5.10
C ALA A 15 1.68 -11.24 -3.97
N LEU A 16 0.89 -10.34 -3.44
CA LEU A 16 -0.04 -10.73 -2.34
C LEU A 16 -1.48 -10.80 -2.85
N THR A 17 -1.97 -11.99 -3.11
CA THR A 17 -3.36 -12.13 -3.62
C THR A 17 -4.12 -13.22 -2.84
N GLY A 18 -3.85 -13.35 -1.58
CA GLY A 18 -4.55 -14.40 -0.78
C GLY A 18 -4.96 -13.84 0.58
N TYR A 19 -6.10 -14.24 1.09
CA TYR A 19 -6.55 -13.72 2.41
C TYR A 19 -5.57 -14.14 3.51
N LEU A 20 -5.76 -13.66 4.70
CA LEU A 20 -4.83 -14.01 5.82
C LEU A 20 -5.36 -13.46 7.14
N ASP A 21 -5.42 -14.26 8.17
CA ASP A 21 -5.91 -13.77 9.48
C ASP A 21 -4.87 -12.85 10.14
N TYR A 22 -5.14 -12.37 11.32
CA TYR A 22 -4.17 -11.46 11.99
C TYR A 22 -3.38 -12.23 13.06
N VAL A 23 -2.09 -12.12 13.04
CA VAL A 23 -1.27 -12.84 14.06
C VAL A 23 -0.82 -11.87 15.15
N LEU A 24 0.38 -12.04 15.65
CA LEU A 24 0.87 -11.14 16.74
C LEU A 24 0.83 -9.69 16.28
N LEU A 25 1.11 -9.44 15.03
CA LEU A 25 1.10 -8.03 14.52
C LEU A 25 0.76 -8.01 13.03
N PRO A 26 -0.29 -7.31 12.71
CA PRO A 26 -0.72 -7.19 11.29
C PRO A 26 0.25 -6.30 10.51
N ALA A 27 1.48 -6.73 10.36
CA ALA A 27 2.48 -5.91 9.62
C ALA A 27 1.97 -5.60 8.21
N LEU A 28 1.22 -6.51 7.62
CA LEU A 28 0.70 -6.28 6.26
C LEU A 28 -0.32 -5.14 6.26
N ALA A 29 -1.27 -5.19 7.14
CA ALA A 29 -2.30 -4.09 7.21
C ALA A 29 -1.61 -2.74 7.38
N ILE A 30 -0.63 -2.66 8.24
CA ILE A 30 0.09 -1.37 8.45
C ILE A 30 0.85 -0.98 7.17
N PHE A 31 1.53 -1.92 6.57
CA PHE A 31 2.28 -1.62 5.33
C PHE A 31 1.36 -0.99 4.28
N ILE A 32 0.20 -1.53 4.09
CA ILE A 32 -0.75 -0.96 3.10
C ILE A 32 -1.19 0.45 3.53
N GLY A 33 -1.50 0.62 4.79
CA GLY A 33 -1.91 1.96 5.28
C GLY A 33 -0.85 3.00 4.93
N LEU A 34 0.39 2.74 5.23
CA LEU A 34 1.47 3.69 4.85
C LEU A 34 1.57 3.79 3.32
N THR A 35 1.41 2.70 2.63
CA THR A 35 1.50 2.73 1.14
C THR A 35 0.37 3.59 0.56
N ILE A 36 -0.84 3.35 0.96
CA ILE A 36 -1.98 4.17 0.46
C ILE A 36 -1.90 5.62 0.97
N TYR A 37 -1.60 5.79 2.22
CA TYR A 37 -1.50 7.19 2.77
C TYR A 37 -0.40 7.95 2.01
N ALA A 38 0.76 7.38 1.89
CA ALA A 38 1.87 8.05 1.15
C ALA A 38 1.47 8.33 -0.29
N ILE A 39 0.79 7.41 -0.92
CA ILE A 39 0.38 7.63 -2.35
C ILE A 39 -0.60 8.80 -2.46
N GLN A 40 -1.58 8.86 -1.60
CA GLN A 40 -2.56 9.98 -1.67
C GLN A 40 -1.85 11.32 -1.42
N ARG A 41 -0.93 11.35 -0.50
CA ARG A 41 -0.21 12.63 -0.21
C ARG A 41 0.65 13.02 -1.42
N LYS A 42 1.46 12.12 -1.91
CA LYS A 42 2.28 12.43 -3.10
C LYS A 42 1.39 12.87 -4.26
N ARG A 43 0.34 12.13 -4.53
CA ARG A 43 -0.58 12.53 -5.64
C ARG A 43 -1.22 13.88 -5.32
N GLN A 44 -1.50 14.13 -4.06
CA GLN A 44 -2.12 15.43 -3.68
C GLN A 44 -1.90 15.68 -2.18
N ALA A 45 -1.51 16.87 -1.82
CA ALA A 45 -1.28 17.18 -0.38
C ALA A 45 -1.16 18.69 -0.17
N ASP A 46 -1.81 19.21 0.83
CA ASP A 46 -1.73 20.68 1.10
C ASP A 46 -0.33 21.05 1.57
N THR A 1 4.29 15.56 -11.03
CA THR A 1 3.40 14.39 -11.27
C THR A 1 4.17 13.08 -11.02
N PRO A 2 3.95 12.51 -9.86
CA PRO A 2 4.65 11.27 -9.48
C PRO A 2 3.92 10.04 -10.03
N VAL A 3 3.83 9.94 -11.33
CA VAL A 3 3.14 8.76 -11.94
C VAL A 3 3.94 7.48 -11.68
N LEU A 4 5.24 7.58 -11.65
CA LEU A 4 6.09 6.37 -11.41
C LEU A 4 5.76 5.76 -10.05
N VAL A 5 5.44 6.58 -9.08
CA VAL A 5 5.13 6.07 -7.72
C VAL A 5 3.94 5.10 -7.77
N ILE A 6 2.94 5.43 -8.54
CA ILE A 6 1.75 4.53 -8.63
C ILE A 6 2.14 3.19 -9.26
N LEU A 7 3.02 3.21 -10.22
CA LEU A 7 3.44 1.94 -10.88
C LEU A 7 4.11 1.00 -9.86
N LEU A 8 4.96 1.53 -9.03
CA LEU A 8 5.64 0.67 -8.01
C LEU A 8 4.61 0.07 -7.05
N GLY A 9 3.67 0.87 -6.60
CA GLY A 9 2.64 0.35 -5.65
C GLY A 9 1.81 -0.71 -6.37
N VAL A 10 1.50 -0.51 -7.62
CA VAL A 10 0.67 -1.50 -8.37
C VAL A 10 1.35 -2.88 -8.34
N VAL A 11 2.62 -2.92 -8.59
CA VAL A 11 3.35 -4.22 -8.57
C VAL A 11 3.22 -4.89 -7.20
N GLY A 12 3.33 -4.14 -6.15
CA GLY A 12 3.22 -4.74 -4.78
C GLY A 12 1.84 -5.38 -4.61
N LEU A 13 0.80 -4.74 -5.10
CA LEU A 13 -0.56 -5.33 -4.96
C LEU A 13 -0.65 -6.68 -5.66
N SER A 14 -0.06 -6.80 -6.82
CA SER A 14 -0.10 -8.10 -7.56
C SER A 14 0.53 -9.22 -6.71
N ALA A 15 1.70 -8.99 -6.18
CA ALA A 15 2.33 -10.03 -5.31
C ALA A 15 1.38 -10.44 -4.19
N LEU A 16 0.60 -9.52 -3.69
CA LEU A 16 -0.35 -9.86 -2.59
C LEU A 16 -1.79 -9.88 -3.11
N THR A 17 -2.34 -11.04 -3.35
CA THR A 17 -3.73 -11.12 -3.87
C THR A 17 -4.52 -12.21 -3.13
N GLY A 18 -4.29 -12.37 -1.85
CA GLY A 18 -5.01 -13.42 -1.10
C GLY A 18 -5.34 -12.91 0.31
N TYR A 19 -6.44 -13.34 0.86
CA TYR A 19 -6.81 -12.88 2.24
C TYR A 19 -5.83 -13.45 3.27
N LEU A 20 -5.97 -13.06 4.51
CA LEU A 20 -5.03 -13.56 5.56
C LEU A 20 -5.47 -13.03 6.94
N ASP A 21 -5.59 -13.91 7.90
CA ASP A 21 -6.00 -13.45 9.26
C ASP A 21 -4.79 -12.90 10.02
N TYR A 22 -4.93 -11.74 10.62
CA TYR A 22 -3.78 -11.15 11.37
C TYR A 22 -3.35 -12.07 12.51
N VAL A 23 -2.07 -12.18 12.74
CA VAL A 23 -1.58 -13.06 13.84
C VAL A 23 -1.17 -12.23 15.04
N LEU A 24 -0.07 -12.55 15.65
CA LEU A 24 0.39 -11.77 16.84
C LEU A 24 0.67 -10.32 16.45
N LEU A 25 1.16 -10.09 15.27
CA LEU A 25 1.45 -8.70 14.83
C LEU A 25 0.86 -8.44 13.44
N PRO A 26 -0.18 -7.66 13.40
CA PRO A 26 -0.86 -7.34 12.13
C PRO A 26 0.03 -6.42 11.28
N ALA A 27 1.19 -6.88 10.90
CA ALA A 27 2.09 -6.04 10.06
C ALA A 27 1.45 -5.76 8.71
N LEU A 28 0.65 -6.67 8.21
CA LEU A 28 0.01 -6.47 6.89
C LEU A 28 -0.97 -5.30 6.94
N ALA A 29 -1.85 -5.29 7.91
CA ALA A 29 -2.82 -4.16 8.04
C ALA A 29 -2.07 -2.83 8.14
N ILE A 30 -1.02 -2.78 8.92
CA ILE A 30 -0.23 -1.52 9.03
C ILE A 30 0.44 -1.19 7.70
N PHE A 31 1.03 -2.16 7.06
CA PHE A 31 1.68 -1.90 5.75
C PHE A 31 0.70 -1.25 4.77
N ILE A 32 -0.49 -1.77 4.69
CA ILE A 32 -1.50 -1.16 3.76
C ILE A 32 -1.83 0.26 4.20
N GLY A 33 -2.05 0.47 5.47
CA GLY A 33 -2.36 1.84 5.96
C GLY A 33 -1.27 2.82 5.52
N LEU A 34 -0.03 2.48 5.76
CA LEU A 34 1.09 3.37 5.30
C LEU A 34 1.10 3.44 3.76
N THR A 35 0.84 2.35 3.10
CA THR A 35 0.84 2.35 1.61
C THR A 35 -0.28 3.26 1.08
N ILE A 36 -1.48 3.06 1.56
CA ILE A 36 -2.61 3.93 1.12
C ILE A 36 -2.43 5.38 1.59
N TYR A 37 -2.03 5.58 2.82
CA TYR A 37 -1.81 6.97 3.31
C TYR A 37 -0.76 7.68 2.45
N ALA A 38 0.35 7.04 2.22
CA ALA A 38 1.40 7.65 1.37
C ALA A 38 0.87 7.94 -0.04
N ILE A 39 0.07 7.07 -0.58
CA ILE A 39 -0.47 7.30 -1.95
C ILE A 39 -1.38 8.53 -1.97
N GLN A 40 -2.25 8.66 -1.01
CA GLN A 40 -3.15 9.85 -0.97
C GLN A 40 -2.33 11.13 -0.85
N ARG A 41 -1.30 11.12 -0.05
CA ARG A 41 -0.47 12.34 0.10
C ARG A 41 0.26 12.64 -1.21
N LYS A 42 0.92 11.65 -1.77
CA LYS A 42 1.62 11.87 -3.07
C LYS A 42 0.62 12.34 -4.13
N ARG A 43 -0.48 11.65 -4.27
CA ARG A 43 -1.50 12.08 -5.26
C ARG A 43 -2.03 13.48 -4.90
N GLN A 44 -2.14 13.76 -3.63
CA GLN A 44 -2.64 15.10 -3.19
C GLN A 44 -2.20 15.39 -1.77
N ALA A 45 -1.76 16.59 -1.50
CA ALA A 45 -1.30 16.92 -0.12
C ALA A 45 -2.41 17.61 0.67
N ASP A 46 -2.61 17.24 1.90
CA ASP A 46 -3.68 17.88 2.71
C ASP A 46 -3.30 19.33 3.04
N THR A 1 0.44 14.26 -11.77
CA THR A 1 0.05 13.07 -10.97
C THR A 1 1.21 12.07 -10.93
N PRO A 2 1.56 11.67 -9.74
CA PRO A 2 2.67 10.69 -9.56
C PRO A 2 2.23 9.30 -10.01
N VAL A 3 1.98 9.13 -11.28
CA VAL A 3 1.53 7.80 -11.79
C VAL A 3 2.56 6.72 -11.43
N LEU A 4 3.82 7.06 -11.43
CA LEU A 4 4.87 6.05 -11.10
C LEU A 4 4.61 5.46 -9.70
N VAL A 5 4.24 6.29 -8.76
CA VAL A 5 3.96 5.79 -7.39
C VAL A 5 2.82 4.78 -7.40
N ILE A 6 1.75 5.08 -8.10
CA ILE A 6 0.61 4.12 -8.16
C ILE A 6 1.02 2.85 -8.91
N LEU A 7 1.81 2.99 -9.95
CA LEU A 7 2.23 1.80 -10.73
C LEU A 7 3.07 0.86 -9.86
N LEU A 8 3.98 1.39 -9.10
CA LEU A 8 4.81 0.52 -8.21
C LEU A 8 3.95 -0.20 -7.18
N GLY A 9 3.02 0.51 -6.58
CA GLY A 9 2.13 -0.14 -5.57
C GLY A 9 1.28 -1.21 -6.25
N VAL A 10 0.80 -0.94 -7.43
CA VAL A 10 -0.05 -1.93 -8.15
C VAL A 10 0.70 -3.25 -8.32
N VAL A 11 1.93 -3.18 -8.75
CA VAL A 11 2.74 -4.43 -8.94
C VAL A 11 2.86 -5.20 -7.62
N GLY A 12 3.08 -4.50 -6.54
CA GLY A 12 3.23 -5.21 -5.23
C GLY A 12 1.94 -5.98 -4.91
N LEU A 13 0.80 -5.40 -5.19
CA LEU A 13 -0.49 -6.11 -4.89
C LEU A 13 -0.57 -7.42 -5.69
N SER A 14 -0.13 -7.42 -6.91
CA SER A 14 -0.19 -8.66 -7.73
C SER A 14 0.60 -9.79 -7.08
N ALA A 15 1.80 -9.52 -6.65
CA ALA A 15 2.59 -10.59 -5.97
C ALA A 15 1.81 -11.17 -4.79
N LEU A 16 1.02 -10.36 -4.14
CA LEU A 16 0.24 -10.87 -2.98
C LEU A 16 -1.25 -10.99 -3.34
N THR A 17 -1.74 -12.19 -3.47
CA THR A 17 -3.18 -12.37 -3.84
C THR A 17 -3.74 -13.64 -3.19
N GLY A 18 -3.35 -13.93 -1.98
CA GLY A 18 -3.85 -15.17 -1.32
C GLY A 18 -4.85 -14.80 -0.22
N TYR A 19 -4.86 -15.54 0.86
CA TYR A 19 -5.82 -15.25 1.96
C TYR A 19 -5.14 -15.33 3.31
N LEU A 20 -5.52 -14.50 4.25
CA LEU A 20 -4.87 -14.53 5.59
C LEU A 20 -5.55 -13.52 6.52
N ASP A 21 -5.67 -13.84 7.78
CA ASP A 21 -6.28 -12.87 8.74
C ASP A 21 -5.20 -12.25 9.63
N TYR A 22 -5.51 -11.15 10.27
CA TYR A 22 -4.50 -10.49 11.13
C TYR A 22 -4.06 -11.43 12.26
N VAL A 23 -2.79 -11.46 12.56
CA VAL A 23 -2.31 -12.36 13.65
C VAL A 23 -1.99 -11.55 14.91
N LEU A 24 -0.87 -11.80 15.51
CA LEU A 24 -0.51 -11.04 16.75
C LEU A 24 -0.35 -9.55 16.43
N LEU A 25 0.10 -9.24 15.24
CA LEU A 25 0.26 -7.81 14.87
C LEU A 25 -0.06 -7.60 13.38
N PRO A 26 -0.72 -6.51 13.10
CA PRO A 26 -1.10 -6.20 11.69
C PRO A 26 0.11 -5.65 10.93
N ALA A 27 1.20 -6.36 10.95
CA ALA A 27 2.41 -5.89 10.22
C ALA A 27 2.05 -5.57 8.77
N LEU A 28 1.40 -6.48 8.09
CA LEU A 28 1.02 -6.24 6.67
C LEU A 28 -0.03 -5.13 6.59
N ALA A 29 -1.07 -5.22 7.38
CA ALA A 29 -2.12 -4.16 7.34
C ALA A 29 -1.49 -2.78 7.60
N ILE A 30 -0.62 -2.69 8.56
CA ILE A 30 0.04 -1.38 8.83
C ILE A 30 0.91 -0.96 7.65
N PHE A 31 1.66 -1.89 7.10
CA PHE A 31 2.53 -1.55 5.94
C PHE A 31 1.69 -0.94 4.81
N ILE A 32 0.58 -1.53 4.49
CA ILE A 32 -0.29 -0.97 3.42
C ILE A 32 -0.81 0.42 3.82
N GLY A 33 -1.25 0.56 5.04
CA GLY A 33 -1.76 1.88 5.51
C GLY A 33 -0.70 2.96 5.27
N LEU A 34 0.51 2.71 5.68
CA LEU A 34 1.60 3.71 5.41
C LEU A 34 1.84 3.84 3.91
N THR A 35 1.77 2.76 3.20
CA THR A 35 2.00 2.82 1.72
C THR A 35 0.92 3.65 1.04
N ILE A 36 -0.33 3.37 1.33
CA ILE A 36 -1.44 4.17 0.73
C ILE A 36 -1.44 5.60 1.27
N TYR A 37 -1.21 5.78 2.55
CA TYR A 37 -1.19 7.16 3.11
C TYR A 37 -0.11 7.99 2.40
N ALA A 38 1.08 7.46 2.29
CA ALA A 38 2.17 8.19 1.60
C ALA A 38 1.79 8.49 0.15
N ILE A 39 1.16 7.57 -0.52
CA ILE A 39 0.76 7.81 -1.94
C ILE A 39 -0.24 8.97 -2.04
N GLN A 40 -1.23 8.99 -1.20
CA GLN A 40 -2.23 10.10 -1.24
C GLN A 40 -1.54 11.45 -1.00
N ARG A 41 -0.60 11.48 -0.09
CA ARG A 41 0.10 12.75 0.20
C ARG A 41 0.92 13.19 -1.02
N LYS A 42 1.73 12.32 -1.54
CA LYS A 42 2.52 12.66 -2.76
C LYS A 42 1.59 13.07 -3.90
N ARG A 43 0.58 12.29 -4.17
CA ARG A 43 -0.39 12.66 -5.24
C ARG A 43 -1.01 14.02 -4.93
N GLN A 44 -1.32 14.26 -3.68
CA GLN A 44 -1.94 15.57 -3.30
C GLN A 44 -1.64 15.88 -1.83
N ALA A 45 -1.55 17.13 -1.48
CA ALA A 45 -1.27 17.49 -0.05
C ALA A 45 -2.39 18.36 0.50
N ASP A 46 -2.67 18.26 1.78
CA ASP A 46 -3.74 19.09 2.38
C ASP A 46 -3.45 20.58 2.16
#